data_2WY1
#
_entry.id   2WY1
#
_cell.length_a   133.103
_cell.length_b   133.103
_cell.length_c   97.185
_cell.angle_alpha   90.00
_cell.angle_beta   90.00
_cell.angle_gamma   120.00
#
_symmetry.space_group_name_H-M   'P 32 2 1'
#
_entity_poly.entity_id   1
_entity_poly.type   'polypeptide(L)'
_entity_poly.pdbx_seq_one_letter_code
;DRVYIHPFHLLYYSKSTCAQLENPSVETLPEPTFEPVPIQAKTSPVDEKTLRDKLVLATEKLEAEDRQRAAQVAMIANFM
GFRMYKMLSEARGVASGAVLSPPALFGTLVSFYLGSLDPTASQLQVLLGVPVKEGDCTSRLDGHKVLTALQAVQGLLVTQ
GGSSSQTPLLQSTVVGLFTAPGLRLKQPFVESLGPFTPAIFPRSLDLSTDPVLAAQKINRFVQAVTGWKMNLPLEGVSTD
STLFFNTYVHFQGKMRGFSQLTGLHEFWVDNSTSVSVPMLSGTGNFQHWSDAQNNFSVTRVPLGESVTLLLIQPQCASDL
DRVEVLVFQHDFLTWIKNPPPRAIRLTLPQLEIRGSYNLQDLLAQAKLSTLLGAEANLGKMGDTNPRVGEVLNSILLELQ
AGEEEQPTESAQQPGSPEVLDVTLSSPFLFAIYERDSGALHFLGRVDNPQNVV
;
_entity_poly.pdbx_strand_id   A,B
#
# COMPACT_ATOMS: atom_id res chain seq x y z
N VAL A 3 32.44 -18.09 -25.72
CA VAL A 3 33.42 -18.22 -24.61
C VAL A 3 32.69 -18.36 -23.28
N TYR A 4 31.81 -17.39 -22.99
CA TYR A 4 31.01 -17.38 -21.77
C TYR A 4 29.60 -17.91 -22.06
N ILE A 5 28.81 -18.12 -21.01
CA ILE A 5 27.45 -18.67 -21.19
C ILE A 5 26.46 -18.20 -20.12
N HIS A 6 25.26 -17.88 -20.59
CA HIS A 6 24.17 -17.36 -19.75
C HIS A 6 23.69 -18.44 -18.77
N PRO A 7 23.13 -18.04 -17.60
CA PRO A 7 22.56 -19.03 -16.69
C PRO A 7 21.33 -19.78 -17.21
N PHE A 8 20.69 -19.25 -18.26
CA PHE A 8 19.62 -19.97 -18.95
C PHE A 8 20.13 -20.51 -20.29
N HIS A 9 21.36 -21.05 -20.30
CA HIS A 9 22.01 -21.46 -21.55
C HIS A 9 21.35 -22.64 -22.23
N LEU A 10 20.74 -23.53 -21.46
CA LEU A 10 20.11 -24.73 -22.01
C LEU A 10 18.78 -24.45 -22.71
N LEU A 11 18.24 -23.24 -22.56
CA LEU A 11 17.02 -22.85 -23.26
C LEU A 11 17.29 -22.40 -24.71
N TYR A 12 18.56 -22.20 -25.06
CA TYR A 12 18.94 -21.79 -26.43
C TYR A 12 19.04 -22.97 -27.40
N TYR A 13 19.03 -22.67 -28.69
CA TYR A 13 19.34 -23.67 -29.72
C TYR A 13 20.78 -24.12 -29.58
N SER A 14 21.01 -25.42 -29.62
CA SER A 14 22.37 -25.98 -29.58
C SER A 14 23.03 -25.84 -30.95
N LYS A 15 24.34 -26.01 -30.99
CA LYS A 15 25.11 -25.83 -32.23
C LYS A 15 24.77 -26.87 -33.29
N SER A 16 24.38 -28.07 -32.87
CA SER A 16 24.04 -29.14 -33.80
C SER A 16 22.65 -28.93 -34.41
N THR A 17 21.66 -28.67 -33.58
CA THR A 17 20.27 -28.45 -34.04
C THR A 17 20.11 -27.15 -34.84
N CYS A 18 20.89 -26.13 -34.50
CA CYS A 18 20.85 -24.85 -35.22
C CYS A 18 21.61 -24.95 -36.56
N ALA A 19 22.69 -25.73 -36.57
CA ALA A 19 23.41 -26.05 -37.81
C ALA A 19 22.60 -26.98 -38.70
N GLN A 20 21.84 -27.88 -38.08
CA GLN A 20 20.91 -28.74 -38.80
C GLN A 20 19.58 -28.03 -39.01
N THR A 28 14.44 -28.09 -47.75
CA THR A 28 13.26 -27.72 -46.97
C THR A 28 12.03 -27.63 -47.88
N LEU A 29 10.89 -28.08 -47.36
CA LEU A 29 9.62 -28.08 -48.10
C LEU A 29 8.76 -26.91 -47.61
N PRO A 30 7.85 -26.41 -48.47
CA PRO A 30 6.84 -25.47 -47.97
C PRO A 30 5.96 -26.12 -46.89
N GLU A 31 5.50 -25.33 -45.94
CA GLU A 31 4.82 -25.88 -44.75
C GLU A 31 3.44 -26.43 -45.14
N PRO A 32 3.17 -27.72 -44.88
CA PRO A 32 1.81 -28.21 -45.04
C PRO A 32 0.83 -27.54 -44.08
N THR A 33 -0.44 -27.49 -44.47
CA THR A 33 -1.47 -26.83 -43.67
C THR A 33 -2.79 -27.57 -43.77
N PHE A 34 -3.72 -27.24 -42.88
CA PHE A 34 -5.03 -27.87 -42.81
C PHE A 34 -6.04 -26.95 -42.13
N GLU A 35 -7.30 -27.04 -42.55
CA GLU A 35 -8.38 -26.33 -41.87
C GLU A 35 -8.93 -27.24 -40.77
N PRO A 36 -8.95 -26.74 -39.52
CA PRO A 36 -9.58 -27.49 -38.42
C PRO A 36 -11.05 -27.85 -38.69
N VAL A 37 -11.45 -29.04 -38.27
CA VAL A 37 -12.84 -29.49 -38.43
C VAL A 37 -13.80 -28.60 -37.65
N PRO A 38 -15.09 -28.62 -38.00
CA PRO A 38 -16.09 -27.92 -37.20
C PRO A 38 -16.07 -28.31 -35.73
N ILE A 39 -16.46 -27.37 -34.86
CA ILE A 39 -16.58 -27.63 -33.43
C ILE A 39 -17.63 -28.70 -33.14
N GLN A 40 -18.65 -28.78 -34.01
CA GLN A 40 -19.74 -29.76 -33.88
C GLN A 40 -19.24 -31.21 -33.91
N ALA A 41 -18.25 -31.48 -34.77
CA ALA A 41 -17.70 -32.83 -34.95
C ALA A 41 -17.58 -33.58 -33.63
N LYS A 42 -18.10 -34.81 -33.59
CA LYS A 42 -18.16 -35.60 -32.36
C LYS A 42 -16.76 -35.94 -31.88
N THR A 43 -16.45 -35.49 -30.67
CA THR A 43 -15.15 -35.71 -30.05
C THR A 43 -15.31 -36.49 -28.76
N SER A 44 -14.63 -37.63 -28.67
CA SER A 44 -14.66 -38.46 -27.48
C SER A 44 -13.95 -37.73 -26.33
N PRO A 45 -14.37 -37.99 -25.08
CA PRO A 45 -13.63 -37.46 -23.93
C PRO A 45 -12.19 -37.96 -23.89
N VAL A 46 -11.29 -37.14 -23.35
CA VAL A 46 -9.87 -37.50 -23.26
C VAL A 46 -9.60 -38.05 -21.86
N ASP A 47 -8.97 -39.22 -21.80
CA ASP A 47 -8.77 -39.92 -20.53
C ASP A 47 -7.65 -39.28 -19.70
N GLU A 48 -8.04 -38.67 -18.57
CA GLU A 48 -7.10 -37.99 -17.68
C GLU A 48 -6.02 -38.93 -17.12
N LYS A 49 -6.38 -40.21 -16.96
CA LYS A 49 -5.44 -41.22 -16.49
C LYS A 49 -4.35 -41.52 -17.52
N THR A 50 -4.72 -41.59 -18.79
CA THR A 50 -3.77 -41.83 -19.87
C THR A 50 -2.80 -40.66 -20.06
N LEU A 51 -3.26 -39.44 -19.76
CA LEU A 51 -2.39 -38.26 -19.84
C LEU A 51 -1.28 -38.34 -18.79
N ARG A 52 -1.64 -38.72 -17.56
CA ARG A 52 -0.66 -38.88 -16.48
C ARG A 52 0.47 -39.82 -16.90
N ASP A 53 0.13 -40.87 -17.66
CA ASP A 53 1.13 -41.82 -18.15
C ASP A 53 2.13 -41.11 -19.07
N LYS A 54 1.63 -40.26 -19.96
CA LYS A 54 2.49 -39.53 -20.89
C LYS A 54 3.30 -38.42 -20.20
N LEU A 55 2.87 -38.01 -19.02
CA LEU A 55 3.72 -37.19 -18.13
C LEU A 55 4.72 -38.11 -17.46
N VAL A 56 4.22 -39.18 -16.83
CA VAL A 56 5.06 -40.16 -16.12
C VAL A 56 6.15 -40.74 -17.02
N LEU A 57 5.81 -41.01 -18.28
CA LEU A 57 6.77 -41.52 -19.27
C LEU A 57 7.96 -40.60 -19.46
N ALA A 58 7.76 -39.29 -19.34
CA ALA A 58 8.85 -38.33 -19.42
C ALA A 58 9.76 -38.44 -18.20
N THR A 59 9.17 -38.22 -17.02
CA THR A 59 9.94 -38.13 -15.77
C THR A 59 10.77 -39.37 -15.44
N GLU A 60 10.24 -40.55 -15.76
CA GLU A 60 10.94 -41.81 -15.47
C GLU A 60 12.14 -42.06 -16.40
N LYS A 61 12.19 -41.36 -17.53
CA LYS A 61 13.31 -41.47 -18.48
C LYS A 61 14.19 -40.21 -18.55
N LEU A 62 13.99 -39.27 -17.63
CA LEU A 62 14.76 -38.02 -17.62
C LEU A 62 16.24 -38.25 -17.28
N GLU A 63 17.09 -37.36 -17.79
CA GLU A 63 18.53 -37.48 -17.60
C GLU A 63 19.04 -36.36 -16.69
N ALA A 64 20.33 -36.38 -16.38
CA ALA A 64 20.97 -35.31 -15.59
C ALA A 64 21.16 -34.04 -16.44
N GLU A 65 21.30 -34.22 -17.75
CA GLU A 65 21.41 -33.12 -18.69
C GLU A 65 20.08 -32.34 -18.74
N ASP A 66 18.97 -33.07 -18.70
CA ASP A 66 17.63 -32.48 -18.83
C ASP A 66 17.14 -31.78 -17.55
N ARG A 67 17.52 -32.30 -16.38
CA ARG A 67 17.07 -31.73 -15.10
C ARG A 67 17.45 -30.26 -14.92
N GLN A 68 18.63 -29.89 -15.40
CA GLN A 68 19.10 -28.50 -15.34
C GLN A 68 18.12 -27.57 -16.03
N ARG A 69 17.67 -27.95 -17.23
CA ARG A 69 16.63 -27.17 -17.94
C ARG A 69 15.37 -27.01 -17.12
N ALA A 70 14.91 -28.11 -16.54
CA ALA A 70 13.72 -28.08 -15.68
C ALA A 70 13.79 -26.92 -14.69
N ALA A 71 14.92 -26.82 -13.99
CA ALA A 71 15.15 -25.74 -13.03
C ALA A 71 15.30 -24.39 -13.70
N GLN A 72 15.97 -24.36 -14.85
CA GLN A 72 16.15 -23.12 -15.61
C GLN A 72 14.82 -22.58 -16.12
N VAL A 73 13.98 -23.46 -16.67
CA VAL A 73 12.63 -23.08 -17.07
C VAL A 73 11.80 -22.73 -15.84
N ALA A 74 12.03 -23.45 -14.74
CA ALA A 74 11.36 -23.19 -13.46
C ALA A 74 11.51 -21.74 -13.03
N MET A 75 12.75 -21.27 -12.95
CA MET A 75 13.04 -19.88 -12.53
C MET A 75 12.30 -18.86 -13.38
N ILE A 76 12.35 -19.05 -14.70
CA ILE A 76 11.70 -18.14 -15.62
C ILE A 76 10.20 -18.16 -15.42
N ALA A 77 9.61 -19.34 -15.55
CA ALA A 77 8.16 -19.53 -15.45
C ALA A 77 7.61 -18.91 -14.18
N ASN A 78 8.31 -19.11 -13.07
CA ASN A 78 7.91 -18.56 -11.77
C ASN A 78 7.94 -17.05 -11.78
N PHE A 79 9.04 -16.48 -12.26
CA PHE A 79 9.18 -15.02 -12.31
C PHE A 79 8.06 -14.44 -13.15
N MET A 80 7.79 -15.06 -14.30
CA MET A 80 6.69 -14.62 -15.16
C MET A 80 5.36 -14.77 -14.43
N GLY A 81 5.22 -15.87 -13.69
CA GLY A 81 4.02 -16.10 -12.89
C GLY A 81 3.70 -14.91 -12.00
N PHE A 82 4.71 -14.49 -11.24
CA PHE A 82 4.54 -13.41 -10.28
C PHE A 82 4.21 -12.09 -10.98
N ARG A 83 4.87 -11.82 -12.10
CA ARG A 83 4.57 -10.60 -12.87
C ARG A 83 3.09 -10.58 -13.22
N MET A 84 2.58 -11.72 -13.68
CA MET A 84 1.21 -11.80 -14.16
C MET A 84 0.18 -11.91 -13.03
N TYR A 85 0.56 -12.50 -11.90
CA TYR A 85 -0.33 -12.51 -10.74
C TYR A 85 -0.52 -11.07 -10.21
N LYS A 86 0.51 -10.24 -10.33
CA LYS A 86 0.41 -8.83 -9.99
C LYS A 86 -0.55 -8.10 -10.96
N MET A 87 -0.54 -8.49 -12.22
CA MET A 87 -1.47 -7.93 -13.21
C MET A 87 -2.89 -8.41 -12.96
N LEU A 88 -3.02 -9.69 -12.62
CA LEU A 88 -4.30 -10.28 -12.26
C LEU A 88 -4.90 -9.59 -11.03
N SER A 89 -4.05 -9.33 -10.03
CA SER A 89 -4.45 -8.67 -8.79
C SER A 89 -5.09 -7.32 -9.07
N GLU A 90 -4.37 -6.48 -9.79
CA GLU A 90 -4.87 -5.15 -10.12
C GLU A 90 -6.09 -5.21 -11.06
N ALA A 91 -6.05 -6.13 -12.03
CA ALA A 91 -7.09 -6.23 -13.05
C ALA A 91 -8.46 -6.64 -12.50
N ARG A 92 -8.55 -7.88 -12.01
CA ARG A 92 -9.80 -8.44 -11.45
C ARG A 92 -10.87 -8.64 -12.55
N VAL A 94 -13.45 -9.80 -7.67
CA VAL A 94 -12.61 -9.63 -6.48
C VAL A 94 -12.92 -10.68 -5.41
N ALA A 95 -14.19 -10.76 -5.05
CA ALA A 95 -14.62 -11.42 -3.81
C ALA A 95 -14.38 -12.92 -3.75
N SER A 96 -14.14 -13.56 -4.90
CA SER A 96 -13.77 -14.99 -4.93
C SER A 96 -12.27 -15.21 -4.78
N GLY A 97 -11.49 -14.14 -4.92
CA GLY A 97 -10.04 -14.25 -4.84
C GLY A 97 -9.45 -14.64 -6.18
N ALA A 98 -8.35 -15.36 -6.17
CA ALA A 98 -7.62 -15.63 -7.41
C ALA A 98 -6.86 -16.95 -7.38
N VAL A 99 -6.44 -17.39 -8.55
CA VAL A 99 -5.61 -18.57 -8.70
C VAL A 99 -4.90 -18.50 -10.06
N LEU A 100 -3.64 -18.91 -10.10
CA LEU A 100 -2.83 -18.78 -11.30
C LEU A 100 -1.74 -19.85 -11.34
N SER A 101 -1.61 -20.47 -12.51
CA SER A 101 -0.64 -21.54 -12.73
C SER A 101 0.48 -21.02 -13.61
N PRO A 102 1.62 -20.67 -13.00
CA PRO A 102 2.77 -20.16 -13.76
C PRO A 102 3.27 -21.07 -14.89
N PRO A 103 3.32 -22.40 -14.67
CA PRO A 103 3.73 -23.28 -15.77
C PRO A 103 2.80 -23.19 -16.98
N ALA A 104 1.50 -23.22 -16.73
CA ALA A 104 0.51 -23.09 -17.81
C ALA A 104 0.66 -21.73 -18.50
N LEU A 105 0.73 -20.68 -17.68
CA LEU A 105 0.94 -19.32 -18.17
C LEU A 105 2.23 -19.21 -18.99
N PHE A 106 3.26 -19.93 -18.57
CA PHE A 106 4.53 -19.92 -19.29
C PHE A 106 4.41 -20.66 -20.63
N GLY A 107 3.86 -21.87 -20.60
CA GLY A 107 3.66 -22.67 -21.81
C GLY A 107 2.88 -21.93 -22.88
N THR A 108 1.82 -21.24 -22.47
CA THR A 108 1.02 -20.40 -23.38
C THR A 108 1.90 -19.40 -24.11
N LEU A 109 2.77 -18.71 -23.38
CA LEU A 109 3.65 -17.72 -23.98
C LEU A 109 4.64 -18.39 -24.94
N VAL A 110 5.29 -19.46 -24.51
CA VAL A 110 6.26 -20.16 -25.36
C VAL A 110 5.57 -20.72 -26.61
N SER A 111 4.34 -21.17 -26.46
CA SER A 111 3.53 -21.66 -27.60
C SER A 111 3.40 -20.55 -28.64
N PHE A 112 3.08 -19.33 -28.19
CA PHE A 112 2.99 -18.20 -29.10
C PHE A 112 4.35 -17.87 -29.71
N TYR A 113 5.43 -18.04 -28.95
CA TYR A 113 6.77 -17.87 -29.49
C TYR A 113 6.99 -18.82 -30.66
N LEU A 114 6.71 -20.10 -30.43
CA LEU A 114 6.89 -21.15 -31.45
C LEU A 114 6.12 -20.90 -32.75
N GLY A 115 5.09 -20.07 -32.69
CA GLY A 115 4.35 -19.67 -33.88
C GLY A 115 4.55 -18.21 -34.27
N SER A 116 5.67 -17.61 -33.85
CA SER A 116 5.93 -16.18 -34.10
C SER A 116 7.20 -15.95 -34.93
N LEU A 117 7.13 -14.94 -35.79
CA LEU A 117 8.26 -14.56 -36.64
C LEU A 117 9.00 -13.35 -36.08
N ASP A 118 10.16 -13.07 -36.67
CA ASP A 118 11.22 -12.20 -36.11
C ASP A 118 10.85 -11.06 -35.13
N PRO A 119 9.91 -10.18 -35.49
CA PRO A 119 9.66 -9.04 -34.60
C PRO A 119 9.07 -9.46 -33.24
N THR A 120 7.99 -10.22 -33.28
CA THR A 120 7.34 -10.71 -32.06
C THR A 120 8.18 -11.77 -31.35
N ALA A 121 8.96 -12.53 -32.11
CA ALA A 121 9.72 -13.66 -31.56
C ALA A 121 10.70 -13.21 -30.48
N SER A 122 11.62 -12.33 -30.86
CA SER A 122 12.63 -11.84 -29.93
C SER A 122 12.01 -11.09 -28.75
N GLN A 123 10.92 -10.37 -29.00
CA GLN A 123 10.17 -9.70 -27.92
C GLN A 123 9.72 -10.71 -26.87
N LEU A 124 9.07 -11.77 -27.34
CA LEU A 124 8.60 -12.85 -26.48
C LEU A 124 9.77 -13.58 -25.79
N GLN A 125 10.86 -13.80 -26.53
CA GLN A 125 12.06 -14.44 -25.97
C GLN A 125 12.61 -13.64 -24.80
N VAL A 126 12.90 -12.38 -25.05
CA VAL A 126 13.48 -11.50 -24.03
C VAL A 126 12.49 -11.26 -22.88
N LEU A 127 11.21 -11.12 -23.20
CA LEU A 127 10.16 -11.04 -22.19
C LEU A 127 10.24 -12.22 -21.22
N LEU A 128 10.44 -13.42 -21.75
CA LEU A 128 10.55 -14.62 -20.92
C LEU A 128 11.82 -14.65 -20.07
N GLY A 129 12.85 -13.92 -20.50
CA GLY A 129 14.07 -13.76 -19.70
C GLY A 129 15.35 -14.28 -20.33
N VAL A 130 15.22 -14.99 -21.44
CA VAL A 130 16.38 -15.46 -22.20
C VAL A 130 16.82 -14.34 -23.15
N PRO A 131 18.07 -13.86 -23.00
CA PRO A 131 18.54 -12.76 -23.86
C PRO A 131 18.64 -13.10 -25.34
N VAL A 132 18.45 -12.09 -26.19
CA VAL A 132 18.67 -12.20 -27.63
C VAL A 132 19.76 -11.23 -28.07
N LYS A 133 20.99 -11.72 -28.17
CA LYS A 133 22.07 -10.95 -28.77
C LYS A 133 21.82 -10.94 -30.28
N GLU A 134 21.05 -9.95 -30.75
CA GLU A 134 20.40 -10.01 -32.07
C GLU A 134 21.27 -10.49 -33.22
N GLY A 135 20.65 -11.24 -34.13
CA GLY A 135 21.29 -11.70 -35.37
C GLY A 135 21.95 -13.07 -35.27
N ASP A 136 21.86 -13.70 -34.10
CA ASP A 136 22.38 -15.06 -33.91
C ASP A 136 21.21 -16.04 -33.94
N CYS A 137 21.51 -17.32 -34.19
CA CYS A 137 20.53 -18.39 -34.03
C CYS A 137 20.80 -19.20 -32.76
N THR A 138 22.07 -19.28 -32.35
CA THR A 138 22.41 -19.93 -31.08
C THR A 138 22.08 -19.04 -29.88
N SER A 139 21.66 -17.80 -30.15
CA SER A 139 21.09 -16.93 -29.12
C SER A 139 19.57 -16.78 -29.28
N ARG A 140 18.96 -17.68 -30.06
CA ARG A 140 17.50 -17.72 -30.19
C ARG A 140 16.94 -18.83 -29.31
N LEU A 141 15.70 -18.66 -28.86
CA LEU A 141 15.09 -19.60 -27.94
C LEU A 141 14.70 -20.88 -28.69
N ASP A 142 15.16 -22.02 -28.18
CA ASP A 142 14.72 -23.31 -28.68
C ASP A 142 13.40 -23.63 -27.99
N GLY A 143 12.32 -23.15 -28.59
CA GLY A 143 10.98 -23.33 -28.04
C GLY A 143 10.67 -24.78 -27.73
N HIS A 144 11.03 -25.66 -28.66
CA HIS A 144 10.74 -27.09 -28.49
C HIS A 144 11.51 -27.71 -27.31
N LYS A 145 12.76 -27.29 -27.10
CA LYS A 145 13.50 -27.74 -25.93
C LYS A 145 12.81 -27.28 -24.65
N VAL A 146 12.35 -26.04 -24.66
CA VAL A 146 11.71 -25.46 -23.49
C VAL A 146 10.46 -26.25 -23.13
N LEU A 147 9.55 -26.42 -24.10
CA LEU A 147 8.29 -27.12 -23.84
C LEU A 147 8.49 -28.51 -23.26
N THR A 148 9.48 -29.24 -23.78
CA THR A 148 9.83 -30.55 -23.23
C THR A 148 10.36 -30.39 -21.79
N ALA A 149 11.18 -29.36 -21.59
CA ALA A 149 11.70 -29.06 -20.26
C ALA A 149 10.58 -28.66 -19.31
N LEU A 150 9.58 -27.94 -19.82
CA LEU A 150 8.39 -27.63 -19.05
C LEU A 150 7.61 -28.90 -18.79
N GLN A 151 7.59 -29.81 -19.76
CA GLN A 151 6.96 -31.12 -19.58
C GLN A 151 7.61 -31.87 -18.42
N ALA A 152 8.92 -31.66 -18.22
CA ALA A 152 9.61 -32.20 -17.06
C ALA A 152 8.99 -31.71 -15.75
N VAL A 153 9.02 -30.40 -15.52
CA VAL A 153 8.44 -29.84 -14.29
C VAL A 153 6.99 -30.32 -14.11
N GLN A 154 6.19 -30.25 -15.17
CA GLN A 154 4.82 -30.74 -15.14
C GLN A 154 4.80 -32.21 -14.71
N GLY A 155 5.70 -33.01 -15.28
CA GLY A 155 5.77 -34.44 -14.99
C GLY A 155 6.05 -34.72 -13.53
N LEU A 156 7.01 -33.99 -12.97
CA LEU A 156 7.43 -34.20 -11.58
C LEU A 156 6.33 -33.88 -10.56
N LEU A 157 5.39 -33.03 -10.94
CA LEU A 157 4.27 -32.69 -10.07
C LEU A 157 3.39 -33.91 -9.78
N VAL A 158 3.28 -34.82 -10.75
CA VAL A 158 2.31 -35.92 -10.71
C VAL A 158 2.94 -37.31 -10.57
N THR A 159 4.13 -37.37 -9.99
CA THR A 159 4.80 -38.67 -9.74
C THR A 159 5.51 -38.66 -8.39
N PRO A 168 -1.36 -39.19 -4.26
CA PRO A 168 -1.45 -39.08 -5.70
C PRO A 168 -1.91 -37.69 -6.14
N LEU A 169 -1.29 -37.16 -7.20
CA LEU A 169 -1.62 -35.84 -7.75
C LEU A 169 -1.98 -35.94 -9.24
N LEU A 170 -3.00 -35.21 -9.66
CA LEU A 170 -3.43 -35.19 -11.06
C LEU A 170 -3.24 -33.82 -11.69
N GLN A 171 -2.85 -33.81 -12.96
CA GLN A 171 -2.61 -32.57 -13.70
C GLN A 171 -2.89 -32.78 -15.18
N SER A 172 -4.09 -32.40 -15.61
CA SER A 172 -4.44 -32.45 -17.02
C SER A 172 -4.38 -31.04 -17.57
N THR A 173 -3.71 -30.87 -18.71
CA THR A 173 -3.75 -29.59 -19.42
C THR A 173 -4.09 -29.85 -20.90
N VAL A 174 -5.14 -29.18 -21.37
CA VAL A 174 -5.61 -29.32 -22.75
C VAL A 174 -5.71 -27.96 -23.44
N VAL A 175 -5.29 -27.91 -24.69
CA VAL A 175 -5.23 -26.64 -25.44
C VAL A 175 -6.29 -26.56 -26.53
N GLY A 176 -7.16 -25.56 -26.43
CA GLY A 176 -8.17 -25.30 -27.45
C GLY A 176 -7.64 -24.28 -28.44
N LEU A 177 -7.68 -24.63 -29.72
CA LEU A 177 -7.13 -23.77 -30.77
C LEU A 177 -8.24 -23.46 -31.77
N PHE A 178 -9.14 -22.56 -31.36
CA PHE A 178 -10.38 -22.32 -32.10
C PHE A 178 -10.22 -21.32 -33.23
N THR A 179 -10.03 -21.82 -34.45
CA THR A 179 -9.82 -20.96 -35.62
C THR A 179 -11.14 -20.45 -36.18
N ALA A 180 -11.03 -19.49 -37.11
CA ALA A 180 -12.19 -19.00 -37.86
C ALA A 180 -12.46 -19.94 -39.03
N PRO A 181 -13.58 -19.73 -39.74
CA PRO A 181 -13.86 -20.56 -40.89
C PRO A 181 -13.02 -20.11 -42.09
N GLY A 182 -12.00 -20.88 -42.42
CA GLY A 182 -11.09 -20.56 -43.52
C GLY A 182 -9.63 -20.51 -43.10
N LEU A 183 -9.40 -20.20 -41.83
CA LEU A 183 -8.04 -20.15 -41.31
C LEU A 183 -7.47 -21.57 -41.23
N ARG A 184 -6.45 -21.83 -42.04
CA ARG A 184 -5.73 -23.10 -42.02
C ARG A 184 -4.51 -22.98 -41.11
N LEU A 185 -4.36 -23.92 -40.19
CA LEU A 185 -3.22 -23.96 -39.28
C LEU A 185 -2.09 -24.79 -39.87
N LYS A 186 -0.86 -24.29 -39.77
CA LYS A 186 0.31 -25.02 -40.26
C LYS A 186 0.63 -26.20 -39.34
N GLN A 187 0.78 -27.39 -39.91
CA GLN A 187 1.03 -28.60 -39.12
C GLN A 187 2.33 -28.52 -38.31
N PRO A 188 3.43 -28.03 -38.94
CA PRO A 188 4.67 -27.90 -38.18
C PRO A 188 4.57 -27.06 -36.91
N PHE A 189 3.63 -26.10 -36.87
CA PHE A 189 3.38 -25.32 -35.66
C PHE A 189 2.62 -26.13 -34.61
N VAL A 190 1.49 -26.72 -35.00
CA VAL A 190 0.67 -27.51 -34.08
C VAL A 190 1.47 -28.70 -33.51
N GLU A 191 2.40 -29.21 -34.31
CA GLU A 191 3.27 -30.30 -33.87
C GLU A 191 4.30 -29.81 -32.84
N SER A 192 4.59 -28.50 -32.85
CA SER A 192 5.49 -27.89 -31.87
C SER A 192 4.92 -27.96 -30.46
N LEU A 193 3.60 -27.90 -30.36
CA LEU A 193 2.94 -27.83 -29.07
C LEU A 193 2.88 -29.20 -28.37
N GLY A 194 3.22 -30.26 -29.09
CA GLY A 194 3.16 -31.61 -28.56
C GLY A 194 3.62 -31.75 -27.12
N PRO A 195 4.89 -31.41 -26.85
CA PRO A 195 5.46 -31.51 -25.51
C PRO A 195 4.70 -30.74 -24.43
N PHE A 196 3.98 -29.68 -24.83
CA PHE A 196 3.15 -28.90 -23.90
C PHE A 196 1.95 -29.74 -23.48
N THR A 197 1.28 -30.33 -24.48
CA THR A 197 0.22 -31.30 -24.22
C THR A 197 -0.13 -32.09 -25.50
N PRO A 198 -0.45 -33.38 -25.35
CA PRO A 198 -0.97 -34.12 -26.50
C PRO A 198 -2.42 -33.78 -26.79
N ALA A 199 -3.13 -33.24 -25.79
CA ALA A 199 -4.55 -32.92 -25.94
C ALA A 199 -4.73 -31.52 -26.52
N ILE A 200 -4.37 -31.36 -27.80
CA ILE A 200 -4.58 -30.11 -28.52
C ILE A 200 -5.73 -30.31 -29.52
N PHE A 201 -6.72 -29.42 -29.47
CA PHE A 201 -7.91 -29.53 -30.31
C PHE A 201 -8.07 -28.31 -31.21
N PRO A 202 -7.60 -28.41 -32.47
CA PRO A 202 -7.93 -27.38 -33.44
C PRO A 202 -9.36 -27.55 -33.93
N ARG A 203 -10.17 -26.50 -33.82
CA ARG A 203 -11.55 -26.53 -34.29
C ARG A 203 -11.87 -25.22 -34.97
N SER A 204 -12.87 -25.24 -35.86
CA SER A 204 -13.26 -24.05 -36.63
C SER A 204 -14.71 -23.66 -36.36
N LEU A 205 -14.96 -22.35 -36.25
CA LEU A 205 -16.32 -21.82 -36.07
C LEU A 205 -16.41 -20.33 -36.43
N ASP A 206 -17.63 -19.85 -36.65
CA ASP A 206 -17.87 -18.43 -36.94
C ASP A 206 -17.65 -17.59 -35.69
N LEU A 207 -16.59 -16.79 -35.70
CA LEU A 207 -16.26 -15.88 -34.60
C LEU A 207 -16.60 -14.43 -34.98
N SER A 208 -17.75 -14.25 -35.63
CA SER A 208 -18.13 -12.96 -36.20
C SER A 208 -19.59 -12.62 -35.94
N THR A 209 -20.49 -13.36 -36.56
CA THR A 209 -21.94 -13.08 -36.52
C THR A 209 -22.47 -12.86 -35.11
N ASP A 210 -22.25 -13.85 -34.23
CA ASP A 210 -22.71 -13.77 -32.85
C ASP A 210 -21.60 -14.27 -31.92
N PRO A 211 -21.05 -13.37 -31.07
CA PRO A 211 -19.91 -13.74 -30.23
C PRO A 211 -20.27 -14.62 -29.03
N VAL A 212 -21.43 -14.38 -28.42
CA VAL A 212 -21.84 -15.12 -27.22
C VAL A 212 -22.37 -16.51 -27.53
N LEU A 213 -23.12 -16.64 -28.62
CA LEU A 213 -23.58 -17.95 -29.09
C LEU A 213 -22.37 -18.87 -29.41
N ALA A 214 -21.29 -18.27 -29.92
CA ALA A 214 -20.03 -18.98 -30.11
C ALA A 214 -19.27 -19.12 -28.79
N ALA A 215 -19.27 -18.06 -27.99
CA ALA A 215 -18.61 -18.07 -26.67
C ALA A 215 -19.16 -19.16 -25.77
N GLN A 216 -20.44 -19.48 -25.95
CA GLN A 216 -21.04 -20.65 -25.29
C GLN A 216 -20.51 -21.94 -25.92
N LYS A 217 -20.53 -22.01 -27.25
CA LYS A 217 -20.11 -23.20 -28.01
C LYS A 217 -18.76 -23.77 -27.58
N ILE A 218 -17.83 -22.88 -27.18
CA ILE A 218 -16.54 -23.32 -26.66
C ILE A 218 -16.70 -23.97 -25.29
N ASN A 219 -17.50 -23.36 -24.42
CA ASN A 219 -17.79 -23.91 -23.10
C ASN A 219 -18.50 -25.26 -23.15
N ARG A 220 -19.44 -25.39 -24.10
CA ARG A 220 -20.15 -26.65 -24.32
C ARG A 220 -19.23 -27.71 -24.92
N PHE A 221 -18.20 -27.27 -25.64
CA PHE A 221 -17.20 -28.16 -26.23
C PHE A 221 -16.20 -28.63 -25.17
N VAL A 222 -15.80 -27.73 -24.28
CA VAL A 222 -14.90 -28.08 -23.18
C VAL A 222 -15.55 -29.09 -22.23
N GLN A 223 -16.78 -28.81 -21.83
CA GLN A 223 -17.58 -29.76 -21.05
C GLN A 223 -17.53 -31.18 -21.62
N ALA A 224 -17.53 -31.29 -22.94
CA ALA A 224 -17.51 -32.59 -23.61
C ALA A 224 -16.13 -33.24 -23.52
N VAL A 225 -15.13 -32.63 -24.17
CA VAL A 225 -13.81 -33.24 -24.30
C VAL A 225 -13.05 -33.34 -22.97
N THR A 226 -13.11 -32.28 -22.17
CA THR A 226 -12.36 -32.23 -20.91
C THR A 226 -13.15 -32.90 -19.78
N GLY A 227 -14.46 -32.66 -19.77
CA GLY A 227 -15.35 -33.20 -18.74
C GLY A 227 -15.65 -32.23 -17.63
N TRP A 228 -14.84 -31.18 -17.52
CA TRP A 228 -14.88 -30.29 -16.36
C TRP A 228 -15.86 -29.15 -16.60
N LYS A 229 -16.84 -29.01 -15.72
CA LYS A 229 -17.70 -27.85 -15.70
C LYS A 229 -16.85 -26.64 -15.34
N MET A 230 -16.52 -25.85 -16.35
CA MET A 230 -15.76 -24.62 -16.14
C MET A 230 -16.52 -23.44 -16.76
N ASN A 231 -17.49 -22.92 -16.00
CA ASN A 231 -18.21 -21.72 -16.37
C ASN A 231 -17.27 -20.53 -16.20
N LEU A 232 -17.01 -19.82 -17.29
CA LEU A 232 -16.07 -18.69 -17.28
C LEU A 232 -16.69 -17.50 -18.01
N PRO A 233 -17.40 -16.63 -17.27
CA PRO A 233 -17.96 -15.41 -17.83
C PRO A 233 -16.95 -14.61 -18.69
N LEU A 234 -17.44 -14.08 -19.80
CA LEU A 234 -16.67 -13.20 -20.68
C LEU A 234 -17.23 -11.79 -20.59
N GLU A 235 -16.38 -10.83 -20.22
CA GLU A 235 -16.79 -9.43 -20.06
C GLU A 235 -17.04 -8.82 -21.44
N GLY A 236 -16.03 -8.87 -22.30
CA GLY A 236 -16.13 -8.38 -23.67
C GLY A 236 -15.29 -9.18 -24.64
N VAL A 237 -15.96 -9.82 -25.61
CA VAL A 237 -15.29 -10.61 -26.65
C VAL A 237 -15.18 -9.80 -27.94
N SER A 238 -13.99 -9.77 -28.54
CA SER A 238 -13.75 -9.04 -29.77
C SER A 238 -14.29 -9.82 -30.97
N THR A 239 -15.06 -9.14 -31.82
CA THR A 239 -15.77 -9.79 -32.92
C THR A 239 -14.92 -9.97 -34.19
N ASP A 240 -13.75 -9.36 -34.23
CA ASP A 240 -12.90 -9.39 -35.43
C ASP A 240 -11.69 -10.31 -35.29
N SER A 241 -11.80 -11.31 -34.41
CA SER A 241 -10.70 -12.21 -34.11
C SER A 241 -10.81 -13.51 -34.89
N THR A 242 -9.67 -14.00 -35.39
CA THR A 242 -9.61 -15.23 -36.16
C THR A 242 -9.19 -16.43 -35.28
N LEU A 243 -8.12 -16.25 -34.49
CA LEU A 243 -7.58 -17.34 -33.67
C LEU A 243 -7.83 -17.12 -32.17
N PHE A 244 -8.28 -18.18 -31.52
CA PHE A 244 -8.37 -18.24 -30.06
C PHE A 244 -7.37 -19.29 -29.62
N PHE A 245 -6.61 -18.97 -28.56
CA PHE A 245 -5.67 -19.91 -27.96
C PHE A 245 -6.03 -20.05 -26.50
N ASN A 246 -6.79 -21.08 -26.16
CA ASN A 246 -7.26 -21.26 -24.80
C ASN A 246 -6.62 -22.46 -24.14
N THR A 247 -5.95 -22.24 -23.02
CA THR A 247 -5.33 -23.32 -22.25
C THR A 247 -6.18 -23.63 -21.03
N TYR A 248 -6.66 -24.86 -20.95
CA TYR A 248 -7.47 -25.30 -19.82
C TYR A 248 -6.65 -26.29 -19.00
N VAL A 249 -6.52 -26.01 -17.71
CA VAL A 249 -5.76 -26.86 -16.80
C VAL A 249 -6.67 -27.37 -15.69
N HIS A 250 -6.43 -28.59 -15.22
CA HIS A 250 -7.20 -29.17 -14.11
C HIS A 250 -6.27 -29.92 -13.20
N PHE A 251 -6.15 -29.41 -11.97
CA PHE A 251 -5.35 -30.04 -10.93
C PHE A 251 -6.29 -30.62 -9.89
N GLN A 252 -5.95 -31.79 -9.37
CA GLN A 252 -6.76 -32.45 -8.35
C GLN A 252 -5.85 -33.11 -7.32
N GLY A 253 -5.92 -32.61 -6.09
CA GLY A 253 -5.04 -33.05 -5.02
C GLY A 253 -5.78 -33.72 -3.88
N LYS A 254 -5.71 -35.04 -3.84
CA LYS A 254 -6.25 -35.81 -2.73
C LYS A 254 -5.16 -35.96 -1.67
N MET A 255 -5.03 -34.95 -0.82
CA MET A 255 -3.91 -34.83 0.12
C MET A 255 -3.95 -35.86 1.26
N ARG A 256 -2.86 -36.62 1.38
CA ARG A 256 -2.77 -37.76 2.30
C ARG A 256 -2.63 -37.30 3.75
N GLY A 257 -3.32 -38.01 4.64
CA GLY A 257 -3.34 -37.66 6.07
C GLY A 257 -4.50 -36.75 6.43
N PHE A 258 -5.37 -36.48 5.44
CA PHE A 258 -6.52 -35.59 5.63
C PHE A 258 -7.80 -36.28 5.25
N SER A 259 -8.89 -35.88 5.91
CA SER A 259 -10.20 -36.49 5.70
C SER A 259 -11.31 -35.44 5.70
N GLN A 260 -12.42 -35.77 5.05
CA GLN A 260 -13.63 -34.93 5.07
C GLN A 260 -14.21 -34.97 6.48
N LEU A 261 -14.79 -33.86 6.92
CA LEU A 261 -15.44 -33.81 8.23
C LEU A 261 -16.95 -33.80 8.08
N THR A 262 -17.64 -34.39 9.04
CA THR A 262 -19.09 -34.50 9.01
C THR A 262 -19.75 -33.14 9.22
N GLY A 263 -20.73 -32.83 8.36
CA GLY A 263 -21.42 -31.56 8.38
C GLY A 263 -20.65 -30.45 7.67
N LEU A 264 -21.34 -29.35 7.40
CA LEU A 264 -20.73 -28.17 6.81
C LEU A 264 -20.42 -27.16 7.92
N HIS A 265 -19.21 -26.58 7.87
CA HIS A 265 -18.76 -25.64 8.89
C HIS A 265 -18.65 -24.24 8.30
N GLU A 266 -18.77 -23.23 9.18
CA GLU A 266 -18.84 -21.84 8.74
C GLU A 266 -17.47 -21.28 8.38
N PHE A 267 -17.45 -20.39 7.39
CA PHE A 267 -16.23 -19.76 6.90
C PHE A 267 -16.39 -18.24 6.91
N TRP A 268 -15.63 -17.57 7.78
CA TRP A 268 -15.79 -16.13 8.02
C TRP A 268 -15.27 -15.31 6.84
N VAL A 269 -16.14 -15.08 5.86
CA VAL A 269 -15.80 -14.38 4.62
C VAL A 269 -15.61 -12.87 4.84
N ASP A 270 -16.30 -12.34 5.84
CA ASP A 270 -16.32 -10.90 6.10
C ASP A 270 -16.86 -10.66 7.51
N ASN A 271 -16.44 -9.55 8.13
CA ASN A 271 -16.89 -9.23 9.49
C ASN A 271 -18.42 -9.31 9.66
N SER A 272 -19.15 -8.98 8.61
CA SER A 272 -20.61 -9.08 8.64
C SER A 272 -21.08 -10.53 8.47
N THR A 273 -20.94 -11.07 7.26
CA THR A 273 -21.58 -12.35 6.88
C THR A 273 -20.59 -13.49 6.60
N SER A 274 -21.09 -14.72 6.68
CA SER A 274 -20.32 -15.94 6.42
C SER A 274 -21.19 -16.98 5.71
N VAL A 275 -20.56 -18.07 5.27
CA VAL A 275 -21.27 -19.15 4.59
C VAL A 275 -20.71 -20.51 4.99
N SER A 276 -21.58 -21.43 5.42
CA SER A 276 -21.17 -22.74 5.91
C SER A 276 -20.83 -23.69 4.76
N VAL A 277 -19.62 -24.26 4.80
CA VAL A 277 -19.07 -25.08 3.72
C VAL A 277 -18.32 -26.28 4.28
N PRO A 278 -18.05 -27.30 3.44
CA PRO A 278 -17.31 -28.46 3.93
C PRO A 278 -15.85 -28.16 4.29
N MET A 279 -15.37 -28.75 5.38
CA MET A 279 -13.99 -28.58 5.84
C MET A 279 -13.31 -29.94 5.89
N LEU A 280 -12.11 -30.03 5.32
CA LEU A 280 -11.30 -31.24 5.42
C LEU A 280 -10.23 -31.01 6.48
N SER A 281 -9.93 -32.05 7.25
CA SER A 281 -9.01 -31.93 8.39
C SER A 281 -8.09 -33.14 8.50
N GLY A 282 -6.94 -32.92 9.12
CA GLY A 282 -5.96 -33.98 9.34
C GLY A 282 -5.12 -33.69 10.57
N THR A 283 -4.17 -34.58 10.86
CA THR A 283 -3.23 -34.37 11.96
C THR A 283 -1.87 -34.96 11.59
N GLY A 284 -0.81 -34.28 12.00
CA GLY A 284 0.54 -34.74 11.70
C GLY A 284 1.65 -33.89 12.32
N ASN A 285 2.86 -34.06 11.80
CA ASN A 285 4.02 -33.31 12.25
C ASN A 285 4.42 -32.30 11.20
N PHE A 286 3.59 -31.27 11.04
CA PHE A 286 3.79 -30.25 10.02
C PHE A 286 4.73 -29.17 10.50
N GLN A 287 5.33 -28.47 9.54
CA GLN A 287 6.17 -27.32 9.83
C GLN A 287 5.28 -26.09 9.88
N HIS A 288 5.57 -25.18 10.82
CA HIS A 288 4.72 -24.01 11.05
C HIS A 288 5.51 -22.87 11.70
N TRP A 289 5.37 -21.67 11.16
CA TRP A 289 6.02 -20.49 11.72
C TRP A 289 5.18 -19.23 11.53
N SER A 290 5.65 -18.13 12.10
CA SER A 290 4.99 -16.83 11.98
C SER A 290 6.04 -15.77 11.70
N ASP A 291 5.92 -15.10 10.56
CA ASP A 291 6.95 -14.16 10.11
C ASP A 291 7.19 -13.05 11.12
N ALA A 292 8.42 -12.93 11.59
CA ALA A 292 8.80 -11.90 12.56
C ALA A 292 8.52 -10.52 12.00
N GLN A 293 8.98 -10.27 10.79
CA GLN A 293 8.85 -8.96 10.15
C GLN A 293 7.39 -8.58 9.90
N ASN A 294 6.68 -9.39 9.12
CA ASN A 294 5.39 -8.98 8.56
C ASN A 294 4.15 -9.66 9.15
N ASN A 295 4.34 -10.52 10.14
CA ASN A 295 3.24 -11.21 10.82
C ASN A 295 2.23 -11.90 9.89
N PHE A 296 2.58 -13.10 9.45
CA PHE A 296 1.62 -13.99 8.80
C PHE A 296 1.98 -15.43 9.16
N SER A 297 0.98 -16.23 9.48
CA SER A 297 1.21 -17.63 9.81
C SER A 297 1.34 -18.41 8.52
N VAL A 298 2.24 -19.39 8.52
CA VAL A 298 2.48 -20.26 7.38
C VAL A 298 2.41 -21.72 7.83
N THR A 299 1.79 -22.57 7.01
CA THR A 299 1.70 -24.01 7.31
C THR A 299 2.14 -24.82 6.09
N ARG A 300 3.17 -25.64 6.27
CA ARG A 300 3.82 -26.34 5.16
C ARG A 300 3.40 -27.80 5.12
N VAL A 301 2.21 -28.05 4.58
CA VAL A 301 1.69 -29.42 4.48
C VAL A 301 2.14 -30.12 3.19
N PRO A 302 2.93 -31.19 3.31
CA PRO A 302 3.42 -31.91 2.12
C PRO A 302 2.37 -32.86 1.53
N LEU A 303 2.13 -32.72 0.23
CA LEU A 303 1.13 -33.54 -0.46
C LEU A 303 1.73 -34.90 -0.80
N GLY A 304 2.80 -34.90 -1.59
CA GLY A 304 3.53 -36.12 -1.91
C GLY A 304 4.86 -36.14 -1.16
N GLU A 305 5.78 -36.98 -1.62
CA GLU A 305 7.13 -37.03 -1.04
C GLU A 305 8.00 -35.83 -1.45
N SER A 306 7.55 -35.09 -2.46
CA SER A 306 8.22 -33.85 -2.89
C SER A 306 7.29 -32.64 -2.76
N VAL A 307 6.18 -32.66 -3.49
CA VAL A 307 5.30 -31.48 -3.61
C VAL A 307 4.85 -30.96 -2.26
N THR A 308 4.74 -29.63 -2.16
CA THR A 308 4.45 -28.96 -0.89
C THR A 308 3.35 -27.94 -1.06
N LEU A 309 2.31 -28.03 -0.25
CA LEU A 309 1.25 -27.02 -0.21
C LEU A 309 1.56 -26.02 0.89
N LEU A 310 1.92 -24.81 0.50
CA LEU A 310 2.12 -23.72 1.44
C LEU A 310 0.78 -23.02 1.65
N LEU A 311 0.41 -22.81 2.91
CA LEU A 311 -0.83 -22.12 3.26
C LEU A 311 -0.54 -20.95 4.18
N ILE A 312 -0.59 -19.73 3.65
CA ILE A 312 -0.36 -18.54 4.46
C ILE A 312 -1.67 -17.97 4.95
N GLN A 313 -1.71 -17.55 6.21
CA GLN A 313 -2.81 -16.77 6.76
C GLN A 313 -2.25 -15.45 7.31
N PRO A 314 -2.98 -14.34 7.11
CA PRO A 314 -2.57 -13.05 7.65
C PRO A 314 -2.88 -12.94 9.14
N GLN A 315 -2.27 -11.97 9.81
CA GLN A 315 -2.49 -11.77 11.24
C GLN A 315 -3.98 -11.52 11.53
N CYS A 316 -4.62 -10.73 10.69
CA CYS A 316 -6.08 -10.57 10.68
C CYS A 316 -6.58 -10.44 9.24
N ALA A 317 -7.90 -10.50 9.08
CA ALA A 317 -8.52 -10.55 7.76
C ALA A 317 -8.12 -9.38 6.86
N SER A 318 -8.12 -8.18 7.41
CA SER A 318 -7.86 -6.96 6.63
C SER A 318 -6.40 -6.77 6.21
N ASP A 319 -5.48 -7.46 6.88
CA ASP A 319 -4.07 -7.37 6.53
C ASP A 319 -3.72 -8.21 5.28
N LEU A 320 -4.67 -9.01 4.80
CA LEU A 320 -4.41 -9.95 3.72
C LEU A 320 -3.94 -9.28 2.44
N ASP A 321 -4.62 -8.21 2.03
CA ASP A 321 -4.24 -7.45 0.83
C ASP A 321 -2.74 -7.20 0.81
N ARG A 322 -2.23 -6.60 1.89
CA ARG A 322 -0.81 -6.32 2.02
C ARG A 322 0.03 -7.58 1.88
N VAL A 323 -0.30 -8.59 2.69
CA VAL A 323 0.47 -9.84 2.73
C VAL A 323 0.59 -10.46 1.33
N GLU A 324 -0.53 -10.52 0.61
CA GLU A 324 -0.55 -11.04 -0.75
C GLU A 324 0.42 -10.26 -1.64
N VAL A 325 0.32 -8.93 -1.59
CA VAL A 325 1.21 -8.07 -2.38
C VAL A 325 2.66 -8.30 -1.99
N LEU A 326 2.88 -8.67 -0.73
CA LEU A 326 4.21 -8.87 -0.17
C LEU A 326 4.78 -10.28 -0.39
N VAL A 327 4.04 -11.32 -0.03
CA VAL A 327 4.61 -12.68 -0.02
C VAL A 327 4.63 -13.32 -1.41
N PHE A 328 3.49 -13.35 -2.10
CA PHE A 328 3.44 -13.94 -3.44
C PHE A 328 4.14 -13.02 -4.40
N GLN A 329 3.55 -11.85 -4.60
CA GLN A 329 3.94 -10.94 -5.66
C GLN A 329 5.37 -10.45 -5.44
N HIS A 330 6.30 -11.40 -5.44
CA HIS A 330 7.72 -11.10 -5.41
C HIS A 330 8.55 -12.32 -5.81
N ASP A 331 9.54 -12.05 -6.66
CA ASP A 331 10.52 -13.05 -7.09
C ASP A 331 11.08 -13.87 -5.93
N PHE A 332 11.27 -13.24 -4.77
CA PHE A 332 11.78 -13.95 -3.60
C PHE A 332 10.73 -14.83 -2.93
N LEU A 333 11.21 -15.93 -2.35
CA LEU A 333 10.45 -16.77 -1.44
C LEU A 333 11.32 -16.91 -0.18
N THR A 334 11.76 -15.75 0.31
CA THR A 334 12.60 -15.64 1.49
C THR A 334 11.78 -15.81 2.77
N TRP A 335 10.47 -15.68 2.63
CA TRP A 335 9.54 -15.94 3.72
C TRP A 335 9.30 -17.44 3.94
N ILE A 336 9.73 -18.27 2.99
CA ILE A 336 9.70 -19.73 3.16
C ILE A 336 10.91 -20.19 3.98
N LYS A 337 10.65 -20.66 5.20
CA LYS A 337 11.68 -21.09 6.12
C LYS A 337 11.51 -22.58 6.43
N ASN A 338 12.28 -23.10 7.38
CA ASN A 338 12.24 -24.51 7.73
C ASN A 338 12.58 -24.74 9.21
N PRO A 339 11.58 -24.62 10.10
CA PRO A 339 11.77 -24.84 11.52
C PRO A 339 11.49 -26.28 11.93
N PRO A 340 11.81 -26.64 13.19
CA PRO A 340 11.45 -27.93 13.75
C PRO A 340 9.94 -28.18 13.66
N PRO A 341 9.51 -29.26 12.99
CA PRO A 341 8.08 -29.62 12.91
C PRO A 341 7.41 -29.79 14.28
N ARG A 342 6.09 -29.75 14.30
CA ARG A 342 5.34 -29.83 15.56
C ARG A 342 3.94 -30.45 15.38
N ALA A 343 3.28 -30.71 16.52
CA ALA A 343 1.95 -31.33 16.51
C ALA A 343 0.85 -30.33 16.14
N ILE A 344 0.22 -30.54 14.98
CA ILE A 344 -0.80 -29.64 14.47
C ILE A 344 -2.00 -30.40 13.90
N ARG A 345 -3.21 -29.90 14.22
CA ARG A 345 -4.44 -30.39 13.62
C ARG A 345 -4.94 -29.33 12.64
N LEU A 346 -4.57 -29.49 11.37
CA LEU A 346 -4.93 -28.52 10.35
C LEU A 346 -6.35 -28.76 9.84
N THR A 347 -7.11 -27.67 9.70
CA THR A 347 -8.44 -27.73 9.12
C THR A 347 -8.59 -26.64 8.07
N LEU A 348 -8.88 -27.05 6.84
CA LEU A 348 -9.12 -26.11 5.74
C LEU A 348 -10.34 -26.52 4.93
N PRO A 349 -10.91 -25.58 4.16
CA PRO A 349 -12.05 -25.90 3.31
C PRO A 349 -11.71 -26.88 2.19
N GLN A 350 -12.68 -27.72 1.82
CA GLN A 350 -12.51 -28.60 0.67
C GLN A 350 -12.56 -27.72 -0.57
N LEU A 351 -11.39 -27.41 -1.11
CA LEU A 351 -11.29 -26.45 -2.20
C LEU A 351 -11.79 -27.03 -3.53
N GLU A 352 -12.58 -26.22 -4.23
CA GLU A 352 -12.92 -26.47 -5.64
C GLU A 352 -12.64 -25.17 -6.40
N ILE A 353 -11.42 -24.67 -6.26
CA ILE A 353 -11.08 -23.37 -6.81
C ILE A 353 -11.22 -23.36 -8.32
N ARG A 354 -11.87 -22.31 -8.83
CA ARG A 354 -11.97 -22.09 -10.27
C ARG A 354 -11.55 -20.65 -10.56
N GLY A 355 -10.81 -20.46 -11.65
CA GLY A 355 -10.33 -19.14 -12.04
C GLY A 355 -10.08 -19.08 -13.53
N SER A 356 -10.22 -17.89 -14.10
CA SER A 356 -10.08 -17.72 -15.54
C SER A 356 -9.78 -16.27 -15.91
N TYR A 357 -8.76 -16.09 -16.74
CA TYR A 357 -8.32 -14.76 -17.13
C TYR A 357 -7.83 -14.77 -18.56
N ASN A 358 -8.22 -13.76 -19.33
CA ASN A 358 -7.72 -13.59 -20.69
C ASN A 358 -6.34 -12.97 -20.63
N LEU A 359 -5.33 -13.75 -21.00
CA LEU A 359 -3.93 -13.33 -20.89
C LEU A 359 -3.64 -12.01 -21.61
N GLN A 360 -4.41 -11.72 -22.65
CA GLN A 360 -4.32 -10.44 -23.35
C GLN A 360 -4.60 -9.25 -22.45
N ASP A 361 -5.53 -9.40 -21.52
CA ASP A 361 -5.86 -8.35 -20.55
C ASP A 361 -4.70 -8.12 -19.58
N LEU A 362 -4.04 -9.21 -19.17
CA LEU A 362 -2.88 -9.11 -18.28
C LEU A 362 -1.68 -8.47 -18.97
N LEU A 363 -1.42 -8.86 -20.21
CA LEU A 363 -0.38 -8.23 -21.02
C LEU A 363 -0.66 -6.74 -21.14
N ALA A 364 -1.95 -6.39 -21.26
CA ALA A 364 -2.36 -4.98 -21.38
C ALA A 364 -2.14 -4.21 -20.08
N GLN A 365 -2.45 -4.85 -18.96
CA GLN A 365 -2.18 -4.26 -17.64
C GLN A 365 -0.68 -4.16 -17.35
N ALA A 366 0.12 -5.01 -18.00
CA ALA A 366 1.58 -4.90 -17.94
C ALA A 366 2.12 -3.97 -19.04
N LYS A 367 1.20 -3.29 -19.75
CA LYS A 367 1.54 -2.35 -20.83
C LYS A 367 2.34 -3.02 -21.95
N LEU A 368 1.92 -4.24 -22.29
CA LEU A 368 2.45 -5.01 -23.41
C LEU A 368 1.29 -5.44 -24.31
N SER A 369 0.39 -4.51 -24.62
CA SER A 369 -0.83 -4.83 -25.38
C SER A 369 -0.53 -5.13 -26.85
N THR A 370 0.55 -4.55 -27.37
CA THR A 370 0.93 -4.75 -28.76
C THR A 370 1.86 -5.95 -28.97
N LEU A 371 2.26 -6.61 -27.88
CA LEU A 371 3.11 -7.79 -27.99
C LEU A 371 2.39 -8.90 -28.75
N LEU A 372 1.15 -9.19 -28.36
CA LEU A 372 0.28 -10.09 -29.12
C LEU A 372 -0.92 -9.33 -29.71
N GLY A 373 -0.67 -8.09 -30.14
CA GLY A 373 -1.73 -7.23 -30.66
C GLY A 373 -2.14 -7.55 -32.09
N ALA A 374 -2.82 -6.61 -32.72
CA ALA A 374 -3.23 -6.76 -34.12
C ALA A 374 -2.04 -6.69 -35.07
N GLU A 375 -0.94 -6.09 -34.63
CA GLU A 375 0.30 -6.01 -35.42
C GLU A 375 1.34 -7.05 -34.99
N ALA A 376 0.89 -8.12 -34.35
CA ALA A 376 1.78 -9.23 -33.99
C ALA A 376 2.05 -10.11 -35.20
N ASN A 377 3.31 -10.51 -35.39
CA ASN A 377 3.71 -11.36 -36.50
C ASN A 377 3.75 -12.83 -36.05
N LEU A 378 2.63 -13.51 -36.23
CA LEU A 378 2.50 -14.93 -35.93
C LEU A 378 2.31 -15.73 -37.22
N GLY A 379 3.18 -15.46 -38.19
CA GLY A 379 3.10 -16.07 -39.51
C GLY A 379 3.26 -17.59 -39.48
N LYS A 380 4.04 -18.08 -38.53
CA LYS A 380 4.31 -19.52 -38.44
C LYS A 380 3.08 -20.34 -38.03
N MET A 381 2.03 -19.67 -37.57
CA MET A 381 0.84 -20.38 -37.09
C MET A 381 -0.06 -20.91 -38.22
N GLY A 382 -0.25 -20.15 -39.30
CA GLY A 382 -1.15 -20.56 -40.36
C GLY A 382 -0.97 -19.92 -41.73
N ASP A 383 -1.89 -20.24 -42.63
CA ASP A 383 -1.88 -19.71 -44.00
CA ASP A 383 -1.87 -19.71 -44.00
C ASP A 383 -1.92 -18.19 -44.03
N THR A 384 -2.63 -17.60 -43.07
CA THR A 384 -2.77 -16.15 -42.98
C THR A 384 -2.48 -15.71 -41.55
N ASN A 385 -2.05 -14.45 -41.41
CA ASN A 385 -1.66 -13.90 -40.11
C ASN A 385 -2.88 -13.77 -39.19
N PRO A 386 -2.92 -14.57 -38.11
CA PRO A 386 -4.13 -14.62 -37.29
C PRO A 386 -4.23 -13.51 -36.25
N ARG A 387 -5.38 -12.85 -36.20
CA ARG A 387 -5.66 -11.87 -35.15
C ARG A 387 -6.07 -12.63 -33.90
N VAL A 388 -5.12 -12.84 -32.99
CA VAL A 388 -5.34 -13.68 -31.82
C VAL A 388 -6.19 -12.94 -30.80
N GLY A 389 -7.49 -13.25 -30.79
CA GLY A 389 -8.48 -12.53 -29.98
C GLY A 389 -8.24 -12.64 -28.49
N GLU A 390 -8.65 -13.77 -27.92
CA GLU A 390 -8.42 -14.03 -26.51
C GLU A 390 -7.44 -15.18 -26.33
N VAL A 391 -6.65 -15.11 -25.27
CA VAL A 391 -5.75 -16.19 -24.89
C VAL A 391 -6.10 -16.59 -23.46
N LEU A 392 -7.03 -17.55 -23.34
CA LEU A 392 -7.53 -17.95 -22.02
C LEU A 392 -6.57 -18.84 -21.26
N ASN A 393 -6.58 -18.69 -19.94
CA ASN A 393 -6.04 -19.65 -19.01
C ASN A 393 -7.16 -19.99 -18.04
N SER A 394 -7.49 -21.28 -17.90
CA SER A 394 -8.59 -21.70 -17.04
C SER A 394 -8.15 -22.84 -16.13
N ILE A 395 -8.36 -22.66 -14.83
CA ILE A 395 -7.85 -23.59 -13.83
C ILE A 395 -8.94 -24.10 -12.90
N LEU A 396 -9.16 -25.42 -12.91
CA LEU A 396 -9.95 -26.07 -11.88
C LEU A 396 -8.99 -26.77 -10.94
N LEU A 397 -8.76 -26.16 -9.77
CA LEU A 397 -7.90 -26.74 -8.76
C LEU A 397 -8.77 -27.30 -7.64
N GLU A 398 -8.63 -28.60 -7.41
CA GLU A 398 -9.41 -29.28 -6.38
C GLU A 398 -8.46 -29.85 -5.32
N LEU A 399 -8.76 -29.60 -4.05
CA LEU A 399 -8.05 -30.24 -2.94
C LEU A 399 -9.05 -31.04 -2.13
N GLN A 400 -9.04 -32.36 -2.31
CA GLN A 400 -10.02 -33.24 -1.70
C GLN A 400 -9.37 -34.10 -0.60
N ALA A 401 -10.18 -34.90 0.07
CA ALA A 401 -9.69 -35.75 1.15
C ALA A 401 -8.79 -36.87 0.63
N GLY A 402 -7.78 -37.24 1.42
CA GLY A 402 -6.84 -38.30 1.06
C GLY A 402 -7.42 -39.67 1.28
N GLU A 403 -7.62 -40.02 2.54
CA GLU A 403 -8.28 -41.27 2.93
C GLU A 403 -9.08 -41.09 4.23
N GLU A 418 -2.41 -28.86 24.38
CA GLU A 418 -1.09 -29.21 23.85
C GLU A 418 -1.03 -29.06 22.32
N VAL A 419 -1.72 -29.96 21.61
CA VAL A 419 -1.62 -30.02 20.14
C VAL A 419 -2.32 -28.80 19.52
N LEU A 420 -1.55 -27.71 19.40
CA LEU A 420 -2.07 -26.44 18.87
C LEU A 420 -2.51 -26.60 17.42
N ASP A 421 -3.72 -26.14 17.12
CA ASP A 421 -4.40 -26.44 15.86
C ASP A 421 -4.58 -25.21 14.98
N VAL A 422 -4.24 -25.37 13.69
CA VAL A 422 -4.35 -24.31 12.70
C VAL A 422 -5.60 -24.49 11.85
N THR A 423 -6.61 -23.68 12.13
CA THR A 423 -7.92 -23.79 11.48
C THR A 423 -8.12 -22.65 10.48
N LEU A 424 -8.08 -22.97 9.18
CA LEU A 424 -8.27 -21.97 8.12
C LEU A 424 -9.76 -21.62 7.96
N SER A 425 -10.25 -20.77 8.87
CA SER A 425 -11.66 -20.41 8.94
C SER A 425 -11.97 -19.07 8.28
N SER A 426 -10.91 -18.31 7.98
CA SER A 426 -11.03 -17.02 7.31
C SER A 426 -10.26 -17.08 5.99
N PRO A 427 -10.40 -16.04 5.13
CA PRO A 427 -9.60 -15.96 3.90
C PRO A 427 -8.11 -16.19 4.13
N PHE A 428 -7.48 -16.89 3.19
CA PHE A 428 -6.08 -17.25 3.30
C PHE A 428 -5.41 -17.29 1.92
N LEU A 429 -4.09 -17.45 1.92
CA LEU A 429 -3.31 -17.58 0.69
C LEU A 429 -2.75 -18.98 0.63
N PHE A 430 -2.47 -19.46 -0.58
CA PHE A 430 -1.89 -20.79 -0.77
C PHE A 430 -1.02 -20.88 -2.03
N ALA A 431 0.04 -21.68 -1.95
CA ALA A 431 0.85 -21.98 -3.12
C ALA A 431 1.18 -23.45 -3.12
N ILE A 432 1.19 -24.07 -4.30
CA ILE A 432 1.60 -25.47 -4.45
C ILE A 432 2.96 -25.51 -5.14
N TYR A 433 3.96 -26.01 -4.41
CA TYR A 433 5.36 -25.84 -4.75
C TYR A 433 6.07 -27.17 -4.94
N GLU A 434 6.75 -27.34 -6.08
CA GLU A 434 7.55 -28.54 -6.34
C GLU A 434 9.00 -28.30 -5.92
N ARG A 435 9.55 -29.21 -5.14
CA ARG A 435 10.89 -29.06 -4.57
C ARG A 435 11.98 -29.40 -5.58
N ASP A 436 11.91 -30.62 -6.14
CA ASP A 436 13.00 -31.14 -6.99
C ASP A 436 13.29 -30.27 -8.21
N SER A 437 12.26 -29.78 -8.88
CA SER A 437 12.44 -28.82 -9.97
C SER A 437 12.54 -27.39 -9.44
N GLY A 438 11.91 -27.12 -8.30
CA GLY A 438 11.94 -25.79 -7.68
C GLY A 438 10.83 -24.89 -8.17
N ALA A 439 9.99 -25.40 -9.07
CA ALA A 439 8.96 -24.59 -9.71
C ALA A 439 7.71 -24.46 -8.86
N LEU A 440 6.98 -23.38 -9.09
CA LEU A 440 5.75 -23.06 -8.37
C LEU A 440 4.57 -23.30 -9.31
N HIS A 441 3.80 -24.35 -9.02
CA HIS A 441 2.80 -24.85 -9.96
C HIS A 441 1.46 -24.10 -9.89
N PHE A 442 1.03 -23.80 -8.68
CA PHE A 442 -0.15 -22.98 -8.47
C PHE A 442 0.05 -22.09 -7.26
N LEU A 443 -0.42 -20.86 -7.38
CA LEU A 443 -0.50 -19.94 -6.25
C LEU A 443 -1.82 -19.22 -6.40
N GLY A 444 -2.34 -18.67 -5.30
CA GLY A 444 -3.63 -17.99 -5.34
C GLY A 444 -4.17 -17.59 -4.00
N ARG A 445 -5.40 -17.11 -4.00
CA ARG A 445 -6.06 -16.56 -2.83
C ARG A 445 -7.46 -17.12 -2.74
N VAL A 446 -7.82 -17.60 -1.54
CA VAL A 446 -9.14 -18.14 -1.28
C VAL A 446 -9.93 -17.16 -0.43
N ASP A 447 -10.68 -16.28 -1.08
CA ASP A 447 -11.55 -15.34 -0.37
C ASP A 447 -12.89 -15.99 -0.02
N ASN A 448 -13.33 -16.93 -0.83
CA ASN A 448 -14.60 -17.63 -0.61
C ASN A 448 -14.64 -18.90 -1.45
N PRO A 449 -14.80 -20.08 -0.81
CA PRO A 449 -14.91 -21.35 -1.53
C PRO A 449 -16.36 -21.83 -1.71
N GLN A 450 -17.24 -20.92 -2.16
CA GLN A 450 -18.68 -21.21 -2.31
C GLN A 450 -19.28 -21.76 -1.01
N ILE B 5 -19.38 35.22 -3.98
CA ILE B 5 -18.15 35.45 -3.16
C ILE B 5 -17.66 34.12 -2.58
N HIS B 6 -16.36 34.02 -2.33
CA HIS B 6 -15.71 32.75 -1.99
C HIS B 6 -16.14 32.22 -0.61
N PRO B 7 -16.13 30.89 -0.40
CA PRO B 7 -16.43 30.35 0.93
C PRO B 7 -15.39 30.67 2.01
N PHE B 8 -14.21 31.11 1.61
CA PHE B 8 -13.21 31.63 2.54
C PHE B 8 -13.14 33.16 2.44
N HIS B 9 -14.30 33.81 2.30
CA HIS B 9 -14.34 35.26 2.05
C HIS B 9 -13.84 36.12 3.21
N LEU B 10 -14.00 35.64 4.43
CA LEU B 10 -13.58 36.40 5.61
C LEU B 10 -12.06 36.40 5.82
N LEU B 11 -11.33 35.57 5.09
CA LEU B 11 -9.87 35.56 5.16
C LEU B 11 -9.22 36.67 4.32
N TYR B 12 -10.00 37.31 3.46
CA TYR B 12 -9.51 38.39 2.60
C TYR B 12 -9.49 39.74 3.31
N TYR B 13 -8.74 40.69 2.76
CA TYR B 13 -8.78 42.08 3.21
C TYR B 13 -10.17 42.64 2.93
N SER B 14 -10.73 43.35 3.91
CA SER B 14 -12.01 44.03 3.75
C SER B 14 -11.82 45.34 3.00
N LYS B 15 -12.91 45.90 2.51
CA LYS B 15 -12.85 47.12 1.69
C LYS B 15 -12.36 48.33 2.47
N SER B 16 -12.63 48.35 3.77
CA SER B 16 -12.22 49.48 4.63
C SER B 16 -10.72 49.43 4.96
N THR B 17 -10.25 48.27 5.41
CA THR B 17 -8.84 48.08 5.76
C THR B 17 -7.91 48.14 4.54
N CYS B 18 -8.41 47.68 3.39
CA CYS B 18 -7.61 47.71 2.15
C CYS B 18 -7.59 49.12 1.56
N ALA B 19 -8.70 49.85 1.71
CA ALA B 19 -8.77 51.26 1.35
C ALA B 19 -7.93 52.13 2.27
N GLN B 20 -7.77 51.71 3.53
CA GLN B 20 -6.87 52.38 4.48
C GLN B 20 -5.43 52.33 4.00
N LEU B 21 -5.03 51.16 3.48
CA LEU B 21 -3.68 50.97 2.93
C LEU B 21 -3.60 51.47 1.50
N THR B 28 2.82 57.31 4.90
CA THR B 28 3.51 56.09 5.32
C THR B 28 4.99 56.36 5.60
N LEU B 29 5.51 55.73 6.64
CA LEU B 29 6.91 55.91 7.05
C LEU B 29 7.73 54.70 6.59
N PRO B 30 9.05 54.90 6.38
CA PRO B 30 9.89 53.72 6.19
C PRO B 30 9.85 52.81 7.41
N GLU B 31 10.00 51.50 7.19
CA GLU B 31 9.80 50.51 8.26
C GLU B 31 10.95 50.58 9.26
N PRO B 32 10.64 50.81 10.55
CA PRO B 32 11.67 50.69 11.57
C PRO B 32 12.19 49.26 11.69
N THR B 33 13.44 49.12 12.15
CA THR B 33 14.07 47.82 12.27
C THR B 33 14.97 47.77 13.50
N PHE B 34 15.38 46.56 13.87
CA PHE B 34 16.22 46.33 15.04
C PHE B 34 16.99 45.03 14.89
N GLU B 35 18.18 44.97 15.47
CA GLU B 35 18.94 43.72 15.54
C GLU B 35 18.58 43.01 16.83
N PRO B 36 18.13 41.74 16.74
CA PRO B 36 17.85 40.94 17.93
C PRO B 36 19.06 40.81 18.87
N VAL B 37 18.80 40.83 20.18
CA VAL B 37 19.88 40.68 21.17
C VAL B 37 20.53 39.31 21.06
N PRO B 38 21.75 39.17 21.61
CA PRO B 38 22.38 37.85 21.67
C PRO B 38 21.50 36.79 22.35
N ILE B 39 21.68 35.54 21.95
CA ILE B 39 20.99 34.42 22.58
C ILE B 39 21.37 34.29 24.05
N GLN B 40 22.60 34.69 24.38
CA GLN B 40 23.11 34.61 25.76
C GLN B 40 22.29 35.45 26.74
N ALA B 41 21.83 36.61 26.31
CA ALA B 41 21.06 37.54 27.14
C ALA B 41 20.07 36.80 28.05
N LYS B 42 20.10 37.13 29.35
CA LYS B 42 19.28 36.43 30.34
C LYS B 42 17.80 36.65 30.09
N THR B 43 17.09 35.56 29.85
CA THR B 43 15.66 35.60 29.58
C THR B 43 14.92 34.81 30.65
N SER B 44 13.97 35.46 31.30
CA SER B 44 13.13 34.81 32.30
C SER B 44 12.22 33.79 31.63
N PRO B 45 11.85 32.72 32.35
CA PRO B 45 10.84 31.80 31.84
C PRO B 45 9.50 32.48 31.59
N VAL B 46 8.74 31.99 30.61
CA VAL B 46 7.44 32.56 30.26
C VAL B 46 6.35 31.74 30.92
N ASP B 47 5.45 32.41 31.65
CA ASP B 47 4.44 31.73 32.44
C ASP B 47 3.32 31.13 31.58
N GLU B 48 3.27 29.81 31.53
CA GLU B 48 2.27 29.10 30.73
C GLU B 48 0.83 29.45 31.15
N LYS B 49 0.65 29.71 32.45
CA LYS B 49 -0.67 30.07 32.99
C LYS B 49 -1.12 31.42 32.45
N THR B 50 -0.21 32.39 32.39
CA THR B 50 -0.51 33.73 31.88
C THR B 50 -0.85 33.73 30.38
N LEU B 51 -0.26 32.79 29.64
CA LEU B 51 -0.56 32.63 28.22
C LEU B 51 -2.01 32.19 28.01
N ARG B 52 -2.44 31.20 28.81
CA ARG B 52 -3.83 30.72 28.76
C ARG B 52 -4.82 31.87 28.92
N ASP B 53 -4.49 32.83 29.78
CA ASP B 53 -5.33 34.01 29.99
C ASP B 53 -5.48 34.81 28.69
N LYS B 54 -4.37 34.99 27.98
CA LYS B 54 -4.38 35.75 26.74
C LYS B 54 -5.05 34.98 25.60
N LEU B 55 -5.16 33.66 25.74
CA LEU B 55 -6.03 32.88 24.86
C LEU B 55 -7.48 33.05 25.32
N VAL B 56 -7.70 32.84 26.62
CA VAL B 56 -9.03 32.95 27.22
C VAL B 56 -9.64 34.33 26.98
N LEU B 57 -8.82 35.37 27.06
CA LEU B 57 -9.26 36.75 26.80
C LEU B 57 -9.86 36.93 25.41
N ALA B 58 -9.36 36.19 24.43
CA ALA B 58 -9.90 36.23 23.08
C ALA B 58 -11.28 35.57 23.03
N THR B 59 -11.34 34.29 23.41
CA THR B 59 -12.56 33.48 23.28
C THR B 59 -13.77 34.04 24.02
N GLU B 60 -13.55 34.61 25.20
CA GLU B 60 -14.64 35.16 26.01
C GLU B 60 -15.22 36.46 25.43
N LYS B 61 -14.48 37.11 24.53
CA LYS B 61 -14.96 38.35 23.88
C LYS B 61 -15.27 38.17 22.39
N LEU B 62 -15.26 36.91 21.91
CA LEU B 62 -15.51 36.63 20.48
C LEU B 62 -16.94 36.96 20.07
N GLU B 63 -17.11 37.31 18.80
CA GLU B 63 -18.41 37.70 18.25
C GLU B 63 -18.93 36.63 17.28
N ALA B 64 -20.14 36.83 16.76
CA ALA B 64 -20.71 35.94 15.75
C ALA B 64 -20.04 36.15 14.38
N GLU B 65 -19.57 37.37 14.15
CA GLU B 65 -18.85 37.72 12.92
C GLU B 65 -17.52 36.95 12.87
N ASP B 66 -16.85 36.86 14.03
CA ASP B 66 -15.52 36.25 14.12
C ASP B 66 -15.54 34.71 14.07
N ARG B 67 -16.58 34.09 14.61
CA ARG B 67 -16.68 32.61 14.66
C ARG B 67 -16.65 31.96 13.28
N GLN B 68 -17.25 32.62 12.30
CA GLN B 68 -17.23 32.12 10.92
C GLN B 68 -15.80 31.95 10.42
N ARG B 69 -14.95 32.96 10.65
CA ARG B 69 -13.53 32.85 10.31
C ARG B 69 -12.87 31.65 10.96
N ALA B 70 -13.12 31.48 12.25
CA ALA B 70 -12.58 30.36 13.01
C ALA B 70 -12.78 29.06 12.22
N ALA B 71 -14.01 28.83 11.78
CA ALA B 71 -14.34 27.65 11.01
C ALA B 71 -13.69 27.68 9.62
N GLN B 72 -13.66 28.87 9.00
CA GLN B 72 -13.04 29.01 7.67
C GLN B 72 -11.56 28.73 7.73
N VAL B 73 -10.87 29.28 8.73
CA VAL B 73 -9.45 28.97 8.95
C VAL B 73 -9.28 27.50 9.36
N ALA B 74 -10.25 26.98 10.11
CA ALA B 74 -10.27 25.57 10.52
C ALA B 74 -10.17 24.62 9.33
N MET B 75 -11.05 24.79 8.35
CA MET B 75 -11.05 23.95 7.15
C MET B 75 -9.71 23.97 6.46
N ILE B 76 -9.16 25.17 6.28
CA ILE B 76 -7.90 25.32 5.58
C ILE B 76 -6.81 24.63 6.36
N ALA B 77 -6.60 25.06 7.60
CA ALA B 77 -5.54 24.54 8.45
C ALA B 77 -5.55 23.02 8.50
N ASN B 78 -6.75 22.45 8.61
CA ASN B 78 -6.89 21.00 8.64
C ASN B 78 -6.43 20.36 7.34
N PHE B 79 -6.91 20.89 6.22
CA PHE B 79 -6.55 20.35 4.91
C PHE B 79 -5.04 20.38 4.71
N MET B 80 -4.42 21.52 5.06
CA MET B 80 -2.98 21.66 5.00
C MET B 80 -2.31 20.67 5.95
N GLY B 81 -2.91 20.48 7.13
CA GLY B 81 -2.41 19.50 8.09
C GLY B 81 -2.26 18.13 7.48
N PHE B 82 -3.32 17.66 6.83
CA PHE B 82 -3.31 16.34 6.22
C PHE B 82 -2.31 16.22 5.09
N ARG B 83 -2.19 17.27 4.27
CA ARG B 83 -1.18 17.29 3.20
C ARG B 83 0.19 17.04 3.81
N MET B 84 0.49 17.75 4.89
CA MET B 84 1.81 17.70 5.48
C MET B 84 2.04 16.46 6.34
N TYR B 85 0.99 15.90 6.93
CA TYR B 85 1.13 14.63 7.64
C TYR B 85 1.49 13.52 6.67
N LYS B 86 0.96 13.60 5.45
CA LYS B 86 1.30 12.66 4.37
C LYS B 86 2.78 12.82 3.96
N MET B 87 3.29 14.05 3.98
CA MET B 87 4.71 14.32 3.70
C MET B 87 5.59 13.82 4.84
N LEU B 88 5.13 14.04 6.07
CA LEU B 88 5.81 13.56 7.26
C LEU B 88 5.89 12.03 7.25
N SER B 89 4.78 11.39 6.89
CA SER B 89 4.70 9.92 6.82
C SER B 89 5.77 9.33 5.91
N GLU B 90 5.81 9.83 4.69
CA GLU B 90 6.78 9.36 3.70
C GLU B 90 8.22 9.74 4.10
N ALA B 91 8.39 10.96 4.63
CA ALA B 91 9.73 11.49 4.96
C ALA B 91 10.43 10.72 6.08
N ARG B 92 9.88 10.82 7.30
CA ARG B 92 10.44 10.17 8.49
C ARG B 92 11.81 10.77 8.86
N VAL B 94 11.10 6.35 12.22
CA VAL B 94 9.87 5.59 12.02
C VAL B 94 9.28 5.08 13.33
N ALA B 95 10.10 4.34 14.08
CA ALA B 95 9.63 3.44 15.15
C ALA B 95 8.96 4.13 16.35
N SER B 96 9.14 5.44 16.49
CA SER B 96 8.40 6.23 17.51
C SER B 96 7.02 6.70 17.03
N GLY B 97 6.79 6.64 15.72
CA GLY B 97 5.55 7.11 15.13
C GLY B 97 5.62 8.60 14.84
N ALA B 98 4.49 9.29 14.94
CA ALA B 98 4.43 10.68 14.54
C ALA B 98 3.41 11.48 15.32
N VAL B 99 3.52 12.80 15.20
CA VAL B 99 2.54 13.74 15.77
C VAL B 99 2.67 15.06 15.01
N LEU B 100 1.53 15.71 14.77
CA LEU B 100 1.54 16.94 14.00
C LEU B 100 0.36 17.82 14.38
N SER B 101 0.63 19.11 14.57
CA SER B 101 -0.37 20.09 14.97
C SER B 101 -0.69 20.98 13.79
N PRO B 102 -1.84 20.74 13.12
CA PRO B 102 -2.22 21.54 11.94
C PRO B 102 -2.35 23.06 12.20
N PRO B 103 -2.87 23.47 13.37
CA PRO B 103 -2.96 24.90 13.64
C PRO B 103 -1.58 25.56 13.73
N ALA B 104 -0.64 24.89 14.40
CA ALA B 104 0.73 25.39 14.49
C ALA B 104 1.34 25.43 13.10
N LEU B 105 1.23 24.32 12.38
CA LEU B 105 1.73 24.21 11.01
C LEU B 105 1.12 25.29 10.12
N PHE B 106 -0.15 25.62 10.35
CA PHE B 106 -0.81 26.65 9.56
C PHE B 106 -0.25 28.02 9.90
N GLY B 107 -0.19 28.35 11.19
CA GLY B 107 0.32 29.64 11.67
C GLY B 107 1.73 29.94 11.16
N THR B 108 2.58 28.91 11.16
CA THR B 108 3.92 29.03 10.61
C THR B 108 3.89 29.53 9.16
N LEU B 109 3.03 28.93 8.35
CA LEU B 109 2.91 29.31 6.95
C LEU B 109 2.40 30.74 6.80
N VAL B 110 1.33 31.07 7.50
CA VAL B 110 0.75 32.42 7.44
C VAL B 110 1.75 33.46 7.96
N SER B 111 2.54 33.08 8.95
CA SER B 111 3.61 33.95 9.45
C SER B 111 4.56 34.31 8.32
N PHE B 112 4.98 33.31 7.55
CA PHE B 112 5.86 33.55 6.42
C PHE B 112 5.17 34.39 5.35
N TYR B 113 3.87 34.19 5.17
CA TYR B 113 3.11 35.03 4.24
C TYR B 113 3.18 36.49 4.67
N LEU B 114 2.91 36.75 5.95
CA LEU B 114 2.95 38.11 6.51
C LEU B 114 4.29 38.82 6.35
N GLY B 115 5.37 38.06 6.14
CA GLY B 115 6.68 38.63 5.86
C GLY B 115 7.16 38.40 4.43
N SER B 116 6.24 38.16 3.50
CA SER B 116 6.60 37.83 2.12
C SER B 116 6.07 38.86 1.12
N LEU B 117 6.86 39.11 0.08
CA LEU B 117 6.47 40.04 -0.98
C LEU B 117 5.92 39.30 -2.21
N ASP B 118 5.38 40.08 -3.16
CA ASP B 118 4.51 39.61 -4.26
C ASP B 118 4.68 38.18 -4.81
N PRO B 119 5.91 37.77 -5.20
CA PRO B 119 5.99 36.44 -5.83
C PRO B 119 5.68 35.30 -4.87
N THR B 120 6.33 35.28 -3.72
CA THR B 120 6.09 34.26 -2.69
C THR B 120 4.74 34.42 -1.99
N ALA B 121 4.24 35.66 -1.92
CA ALA B 121 3.01 35.95 -1.20
C ALA B 121 1.81 35.23 -1.78
N SER B 122 1.55 35.46 -3.05
CA SER B 122 0.41 34.83 -3.72
C SER B 122 0.56 33.30 -3.79
N GLN B 123 1.78 32.81 -3.93
CA GLN B 123 2.06 31.37 -3.89
C GLN B 123 1.59 30.78 -2.56
N LEU B 124 2.03 31.41 -1.47
CA LEU B 124 1.64 31.00 -0.12
C LEU B 124 0.12 31.14 0.10
N GLN B 125 -0.45 32.23 -0.40
CA GLN B 125 -1.89 32.46 -0.28
C GLN B 125 -2.67 31.32 -0.92
N VAL B 126 -2.41 31.08 -2.20
CA VAL B 126 -3.11 30.04 -2.97
C VAL B 126 -2.81 28.64 -2.44
N LEU B 127 -1.57 28.41 -2.04
CA LEU B 127 -1.20 27.16 -1.34
C LEU B 127 -2.15 26.90 -0.16
N LEU B 128 -2.40 27.93 0.64
CA LEU B 128 -3.26 27.80 1.81
C LEU B 128 -4.72 27.57 1.43
N GLY B 129 -5.11 27.96 0.21
CA GLY B 129 -6.43 27.64 -0.30
C GLY B 129 -7.30 28.84 -0.64
N VAL B 130 -6.88 30.02 -0.22
CA VAL B 130 -7.60 31.26 -0.53
C VAL B 130 -7.14 31.72 -1.92
N PRO B 131 -8.07 31.83 -2.89
CA PRO B 131 -7.69 32.22 -4.25
C PRO B 131 -7.15 33.65 -4.38
N VAL B 132 -6.25 33.84 -5.35
CA VAL B 132 -5.74 35.17 -5.70
C VAL B 132 -6.10 35.49 -7.15
N LYS B 133 -7.20 36.21 -7.33
CA LYS B 133 -7.55 36.74 -8.64
C LYS B 133 -6.59 37.91 -8.90
N GLU B 134 -5.44 37.60 -9.49
CA GLU B 134 -4.27 38.50 -9.45
C GLU B 134 -4.55 39.98 -9.72
N GLY B 135 -3.82 40.84 -9.03
CA GLY B 135 -3.87 42.29 -9.23
C GLY B 135 -4.85 43.03 -8.36
N ASP B 136 -5.56 42.30 -7.50
CA ASP B 136 -6.50 42.91 -6.55
C ASP B 136 -5.84 42.96 -5.18
N CYS B 137 -6.36 43.82 -4.30
CA CYS B 137 -5.97 43.80 -2.89
C CYS B 137 -7.07 43.20 -2.02
N THR B 138 -8.32 43.33 -2.44
CA THR B 138 -9.44 42.68 -1.74
C THR B 138 -9.49 41.18 -2.05
N SER B 139 -8.64 40.72 -2.97
CA SER B 139 -8.42 39.29 -3.19
C SER B 139 -7.07 38.82 -2.64
N ARG B 140 -6.45 39.63 -1.77
CA ARG B 140 -5.21 39.28 -1.08
C ARG B 140 -5.53 38.84 0.34
N LEU B 141 -4.70 37.95 0.88
CA LEU B 141 -4.96 37.37 2.20
C LEU B 141 -4.67 38.40 3.27
N ASP B 142 -5.64 38.64 4.14
CA ASP B 142 -5.43 39.47 5.32
C ASP B 142 -4.79 38.58 6.39
N GLY B 143 -3.46 38.49 6.34
CA GLY B 143 -2.71 37.64 7.26
C GLY B 143 -3.04 37.90 8.70
N HIS B 144 -3.16 39.17 9.07
CA HIS B 144 -3.45 39.54 10.44
C HIS B 144 -4.84 39.07 10.89
N LYS B 145 -5.84 39.16 10.01
CA LYS B 145 -7.17 38.66 10.32
C LYS B 145 -7.11 37.16 10.58
N VAL B 146 -6.35 36.46 9.74
CA VAL B 146 -6.23 35.02 9.82
C VAL B 146 -5.63 34.60 11.18
N LEU B 147 -4.47 35.16 11.50
CA LEU B 147 -3.79 34.82 12.77
C LEU B 147 -4.70 35.03 13.98
N THR B 148 -5.44 36.13 14.01
CA THR B 148 -6.41 36.37 15.08
C THR B 148 -7.50 35.30 15.04
N ALA B 149 -7.95 34.96 13.84
CA ALA B 149 -8.94 33.90 13.66
C ALA B 149 -8.38 32.53 14.07
N LEU B 150 -7.09 32.32 13.83
CA LEU B 150 -6.41 31.13 14.32
C LEU B 150 -6.30 31.20 15.83
N GLN B 151 -6.08 32.39 16.38
CA GLN B 151 -6.06 32.58 17.82
C GLN B 151 -7.40 32.16 18.44
N ALA B 152 -8.48 32.33 17.69
CA ALA B 152 -9.80 31.87 18.11
C ALA B 152 -9.80 30.36 18.30
N VAL B 153 -9.53 29.61 17.24
CA VAL B 153 -9.50 28.14 17.33
C VAL B 153 -8.58 27.68 18.45
N GLN B 154 -7.38 28.26 18.52
CA GLN B 154 -6.44 27.98 19.60
C GLN B 154 -7.06 28.26 20.96
N GLY B 155 -7.75 29.39 21.07
CA GLY B 155 -8.39 29.79 22.32
C GLY B 155 -9.46 28.79 22.79
N LEU B 156 -10.29 28.34 21.86
CA LEU B 156 -11.38 27.43 22.17
C LEU B 156 -10.91 26.07 22.68
N LEU B 157 -9.69 25.68 22.32
CA LEU B 157 -9.11 24.42 22.77
C LEU B 157 -8.90 24.39 24.28
N VAL B 158 -8.61 25.56 24.85
CA VAL B 158 -8.18 25.67 26.25
C VAL B 158 -9.20 26.36 27.18
N THR B 159 -10.47 26.34 26.81
CA THR B 159 -11.53 26.91 27.66
C THR B 159 -12.76 26.02 27.67
N PRO B 168 -9.44 20.42 32.33
CA PRO B 168 -8.62 21.55 31.91
C PRO B 168 -7.59 21.17 30.85
N LEU B 169 -7.42 22.03 29.85
CA LEU B 169 -6.46 21.81 28.76
C LEU B 169 -5.47 22.97 28.65
N LEU B 170 -4.20 22.65 28.40
CA LEU B 170 -3.16 23.66 28.25
C LEU B 170 -2.58 23.66 26.84
N GLN B 171 -2.25 24.85 26.35
CA GLN B 171 -1.69 25.01 25.01
C GLN B 171 -0.80 26.23 24.97
N SER B 172 0.50 26.01 25.10
CA SER B 172 1.47 27.09 24.96
C SER B 172 2.17 26.95 23.62
N THR B 173 2.22 28.05 22.87
CA THR B 173 2.99 28.07 21.62
C THR B 173 3.94 29.27 21.62
N VAL B 174 5.24 29.01 21.44
CA VAL B 174 6.25 30.06 21.45
C VAL B 174 7.08 30.00 20.17
N VAL B 175 7.39 31.17 19.62
CA VAL B 175 8.11 31.29 18.34
C VAL B 175 9.55 31.78 18.53
N GLY B 176 10.51 30.97 18.11
CA GLY B 176 11.91 31.36 18.11
C GLY B 176 12.28 31.92 16.76
N LEU B 177 12.85 33.12 16.75
CA LEU B 177 13.18 33.82 15.51
C LEU B 177 14.68 34.12 15.52
N PHE B 178 15.49 33.08 15.29
CA PHE B 178 16.94 33.16 15.50
C PHE B 178 17.69 33.72 14.29
N THR B 179 17.98 35.02 14.33
CA THR B 179 18.66 35.69 13.22
C THR B 179 20.18 35.49 13.27
N ALA B 180 20.84 35.88 12.18
CA ALA B 180 22.28 35.88 12.11
C ALA B 180 22.79 37.16 12.75
N PRO B 181 24.13 37.28 12.91
CA PRO B 181 24.67 38.51 13.47
C PRO B 181 24.74 39.60 12.42
N GLY B 182 23.83 40.57 12.50
CA GLY B 182 23.75 41.65 11.52
C GLY B 182 22.38 41.79 10.88
N LEU B 183 21.63 40.69 10.85
CA LEU B 183 20.28 40.70 10.29
C LEU B 183 19.34 41.44 11.24
N ARG B 184 18.84 42.59 10.79
CA ARG B 184 17.85 43.38 11.52
C ARG B 184 16.44 43.00 11.07
N LEU B 185 15.57 42.70 12.02
CA LEU B 185 14.18 42.33 11.73
C LEU B 185 13.34 43.58 11.77
N LYS B 186 12.43 43.70 10.80
CA LYS B 186 11.50 44.84 10.75
C LYS B 186 10.41 44.69 11.82
N GLN B 187 10.21 45.75 12.61
CA GLN B 187 9.24 45.69 13.70
C GLN B 187 7.82 45.43 13.20
N PRO B 188 7.40 46.11 12.13
CA PRO B 188 6.05 45.87 11.64
C PRO B 188 5.76 44.41 11.31
N PHE B 189 6.78 43.64 10.92
CA PHE B 189 6.61 42.20 10.68
C PHE B 189 6.47 41.41 11.98
N VAL B 190 7.40 41.60 12.91
CA VAL B 190 7.36 40.90 14.20
C VAL B 190 6.08 41.22 14.97
N GLU B 191 5.56 42.42 14.78
CA GLU B 191 4.29 42.82 15.39
C GLU B 191 3.11 42.10 14.74
N SER B 192 3.27 41.66 13.49
CA SER B 192 2.22 40.90 12.78
C SER B 192 1.97 39.56 13.45
N LEU B 193 3.01 38.99 14.04
CA LEU B 193 2.92 37.65 14.61
C LEU B 193 2.21 37.63 15.97
N GLY B 194 1.96 38.82 16.54
CA GLY B 194 1.33 38.95 17.85
C GLY B 194 0.20 37.97 18.10
N PRO B 195 -0.86 38.03 17.27
CA PRO B 195 -2.02 37.14 17.41
C PRO B 195 -1.70 35.65 17.38
N PHE B 196 -0.60 35.28 16.72
CA PHE B 196 -0.15 33.89 16.69
C PHE B 196 0.36 33.49 18.07
N THR B 197 1.21 34.33 18.64
CA THR B 197 1.64 34.18 20.02
C THR B 197 2.33 35.45 20.54
N PRO B 198 2.12 35.80 21.82
CA PRO B 198 2.88 36.89 22.42
C PRO B 198 4.32 36.47 22.74
N ALA B 199 4.56 35.17 22.86
CA ALA B 199 5.89 34.65 23.22
C ALA B 199 6.77 34.47 22.00
N ILE B 200 7.14 35.58 21.36
CA ILE B 200 8.05 35.56 20.23
C ILE B 200 9.42 36.06 20.69
N PHE B 201 10.47 35.30 20.40
CA PHE B 201 11.82 35.64 20.84
C PHE B 201 12.77 35.81 19.67
N PRO B 202 12.98 37.06 19.23
CA PRO B 202 14.07 37.32 18.29
C PRO B 202 15.41 37.30 19.00
N ARG B 203 16.33 36.49 18.51
CA ARG B 203 17.68 36.41 19.06
C ARG B 203 18.68 36.28 17.93
N SER B 204 19.93 36.66 18.21
CA SER B 204 20.98 36.67 17.19
C SER B 204 22.15 35.78 17.60
N LEU B 205 22.69 35.03 16.64
CA LEU B 205 23.87 34.19 16.87
C LEU B 205 24.57 33.82 15.57
N ASP B 206 25.82 33.36 15.69
CA ASP B 206 26.60 32.88 14.53
C ASP B 206 26.06 31.55 14.03
N LEU B 207 25.45 31.59 12.85
CA LEU B 207 24.91 30.41 12.17
C LEU B 207 25.82 29.98 11.02
N SER B 208 27.13 30.05 11.25
CA SER B 208 28.12 29.82 10.18
C SER B 208 29.27 28.94 10.65
N THR B 209 30.10 29.47 11.56
CA THR B 209 31.33 28.82 12.00
C THR B 209 31.13 27.36 12.42
N ASP B 210 30.22 27.14 13.37
CA ASP B 210 29.93 25.80 13.87
C ASP B 210 28.41 25.63 13.99
N PRO B 211 27.82 24.72 13.18
CA PRO B 211 26.36 24.59 13.16
C PRO B 211 25.77 23.86 14.37
N VAL B 212 26.47 22.83 14.84
CA VAL B 212 25.99 22.00 15.96
C VAL B 212 26.14 22.69 17.32
N LEU B 213 27.27 23.39 17.52
CA LEU B 213 27.46 24.19 18.73
C LEU B 213 26.37 25.25 18.85
N ALA B 214 25.93 25.80 17.72
CA ALA B 214 24.79 26.72 17.67
C ALA B 214 23.47 25.94 17.76
N ALA B 215 23.40 24.81 17.06
CA ALA B 215 22.20 23.96 17.08
C ALA B 215 21.87 23.48 18.49
N GLN B 216 22.89 23.33 19.32
CA GLN B 216 22.70 23.08 20.75
C GLN B 216 22.18 24.34 21.44
N LYS B 217 22.84 25.47 21.19
CA LYS B 217 22.50 26.76 21.82
C LYS B 217 21.01 27.11 21.76
N ILE B 218 20.34 26.73 20.68
CA ILE B 218 18.91 26.93 20.56
C ILE B 218 18.15 26.02 21.52
N ASN B 219 18.57 24.75 21.58
CA ASN B 219 17.96 23.79 22.52
C ASN B 219 18.16 24.19 23.98
N ARG B 220 19.35 24.70 24.30
CA ARG B 220 19.65 25.17 25.66
C ARG B 220 18.86 26.45 25.97
N PHE B 221 18.54 27.22 24.93
CA PHE B 221 17.74 28.44 25.07
C PHE B 221 16.25 28.11 25.28
N VAL B 222 15.76 27.11 24.54
CA VAL B 222 14.38 26.66 24.68
C VAL B 222 14.13 26.08 26.06
N GLN B 223 15.02 25.20 26.51
CA GLN B 223 14.98 24.68 27.87
C GLN B 223 14.78 25.78 28.91
N ALA B 224 15.40 26.94 28.69
CA ALA B 224 15.31 28.06 29.61
C ALA B 224 13.94 28.75 29.54
N VAL B 225 13.66 29.37 28.40
CA VAL B 225 12.46 30.21 28.26
C VAL B 225 11.16 29.40 28.30
N THR B 226 11.13 28.26 27.63
CA THR B 226 9.91 27.45 27.55
C THR B 226 9.79 26.53 28.75
N GLY B 227 10.92 25.95 29.16
CA GLY B 227 10.95 25.04 30.31
C GLY B 227 10.94 23.58 29.89
N TRP B 228 10.55 23.32 28.65
CA TRP B 228 10.29 21.95 28.20
C TRP B 228 11.55 21.32 27.64
N LYS B 229 11.94 20.19 28.21
CA LYS B 229 13.00 19.38 27.63
C LYS B 229 12.51 18.85 26.29
N MET B 230 12.98 19.47 25.22
CA MET B 230 12.65 19.03 23.87
C MET B 230 13.94 18.76 23.09
N ASN B 231 14.48 17.56 23.27
CA ASN B 231 15.63 17.10 22.51
C ASN B 231 15.14 16.77 21.11
N LEU B 232 15.69 17.46 20.11
CA LEU B 232 15.28 17.30 18.72
C LEU B 232 16.50 17.18 17.82
N PRO B 233 16.98 15.94 17.61
CA PRO B 233 18.09 15.68 16.69
C PRO B 233 17.94 16.39 15.35
N LEU B 234 19.07 16.91 14.85
CA LEU B 234 19.14 17.52 13.53
C LEU B 234 19.99 16.63 12.60
N GLU B 235 19.40 16.23 11.48
CA GLU B 235 20.08 15.35 10.52
C GLU B 235 21.16 16.15 9.79
N GLY B 236 20.74 17.24 9.14
CA GLY B 236 21.68 18.13 8.44
C GLY B 236 21.22 19.57 8.51
N VAL B 237 22.06 20.41 9.10
CA VAL B 237 21.79 21.85 9.20
C VAL B 237 22.60 22.59 8.14
N SER B 238 21.94 23.51 7.42
CA SER B 238 22.59 24.31 6.38
C SER B 238 23.40 25.44 7.01
N THR B 239 24.64 25.59 6.58
CA THR B 239 25.57 26.55 7.19
C THR B 239 25.45 27.97 6.64
N ASP B 240 24.70 28.15 5.56
CA ASP B 240 24.60 29.45 4.89
C ASP B 240 23.24 30.13 5.13
N SER B 241 22.60 29.81 6.25
CA SER B 241 21.28 30.35 6.57
C SER B 241 21.36 31.53 7.54
N THR B 242 20.54 32.54 7.30
CA THR B 242 20.49 33.74 8.13
C THR B 242 19.35 33.68 9.14
N LEU B 243 18.15 33.31 8.69
CA LEU B 243 16.97 33.30 9.55
C LEU B 243 16.51 31.86 9.86
N PHE B 244 16.21 31.62 11.13
CA PHE B 244 15.53 30.41 11.57
C PHE B 244 14.15 30.82 12.07
N PHE B 245 13.13 30.07 11.71
CA PHE B 245 11.77 30.30 12.20
C PHE B 245 11.27 29.02 12.85
N ASN B 246 11.42 28.93 14.17
CA ASN B 246 11.08 27.71 14.90
C ASN B 246 9.87 27.91 15.79
N THR B 247 8.84 27.10 15.55
CA THR B 247 7.63 27.16 16.35
C THR B 247 7.62 25.98 17.32
N TYR B 248 7.58 26.28 18.60
CA TYR B 248 7.53 25.24 19.63
C TYR B 248 6.15 25.27 20.28
N VAL B 249 5.48 24.13 20.30
CA VAL B 249 4.16 24.02 20.90
C VAL B 249 4.18 23.00 22.03
N HIS B 250 3.39 23.22 23.07
CA HIS B 250 3.28 22.28 24.17
C HIS B 250 1.84 22.15 24.58
N PHE B 251 1.30 20.95 24.39
CA PHE B 251 -0.05 20.64 24.82
C PHE B 251 0.03 19.71 26.02
N GLN B 252 -0.90 19.88 26.97
CA GLN B 252 -0.95 19.05 28.15
C GLN B 252 -2.41 18.79 28.52
N GLY B 253 -2.81 17.52 28.44
CA GLY B 253 -4.20 17.13 28.67
C GLY B 253 -4.37 16.22 29.87
N LYS B 254 -4.87 16.79 30.96
CA LYS B 254 -5.21 16.00 32.15
C LYS B 254 -6.67 15.57 32.02
N MET B 255 -6.88 14.46 31.29
CA MET B 255 -8.22 14.02 30.90
C MET B 255 -9.07 13.52 32.07
N ARG B 256 -10.25 14.12 32.23
CA ARG B 256 -11.12 13.87 33.37
C ARG B 256 -11.83 12.52 33.28
N GLY B 257 -11.94 11.84 34.42
CA GLY B 257 -12.51 10.50 34.49
C GLY B 257 -11.47 9.41 34.37
N PHE B 258 -10.20 9.81 34.29
CA PHE B 258 -9.09 8.88 34.12
C PHE B 258 -8.06 9.04 35.22
N SER B 259 -7.39 7.94 35.56
CA SER B 259 -6.40 7.91 36.64
C SER B 259 -5.18 7.08 36.27
N GLN B 260 -4.06 7.38 36.90
CA GLN B 260 -2.84 6.58 36.77
C GLN B 260 -3.09 5.22 37.41
N LEU B 261 -2.50 4.17 36.85
CA LEU B 261 -2.60 2.83 37.45
C LEU B 261 -1.29 2.42 38.11
N THR B 262 -1.40 1.64 39.18
CA THR B 262 -0.24 1.21 39.95
C THR B 262 0.61 0.23 39.14
N GLY B 263 1.91 0.48 39.13
CA GLY B 263 2.86 -0.35 38.38
C GLY B 263 2.93 0.04 36.92
N LEU B 264 3.96 -0.45 36.24
CA LEU B 264 4.12 -0.26 34.80
C LEU B 264 3.64 -1.50 34.07
N HIS B 265 2.86 -1.31 33.01
CA HIS B 265 2.28 -2.40 32.25
C HIS B 265 2.91 -2.50 30.86
N GLU B 266 2.87 -3.69 30.29
CA GLU B 266 3.57 -3.96 29.03
C GLU B 266 2.81 -3.44 27.83
N PHE B 267 3.57 -3.00 26.82
CA PHE B 267 3.00 -2.44 25.59
C PHE B 267 3.60 -3.14 24.38
N TRP B 268 2.77 -3.89 23.67
CA TRP B 268 3.22 -4.78 22.58
C TRP B 268 3.64 -3.97 21.35
N VAL B 269 4.91 -3.55 21.33
CA VAL B 269 5.46 -2.71 20.26
C VAL B 269 5.66 -3.47 18.95
N ASP B 270 5.89 -4.78 19.06
CA ASP B 270 6.22 -5.61 17.91
C ASP B 270 6.02 -7.08 18.31
N ASN B 271 5.72 -7.93 17.34
CA ASN B 271 5.51 -9.36 17.61
C ASN B 271 6.63 -10.00 18.44
N SER B 272 7.86 -9.53 18.26
CA SER B 272 9.00 -10.01 19.04
C SER B 272 9.01 -9.41 20.45
N THR B 273 9.34 -8.12 20.55
CA THR B 273 9.65 -7.48 21.83
C THR B 273 8.63 -6.41 22.26
N SER B 274 8.63 -6.12 23.56
CA SER B 274 7.76 -5.10 24.16
C SER B 274 8.50 -4.34 25.27
N VAL B 275 7.87 -3.30 25.80
CA VAL B 275 8.44 -2.51 26.89
C VAL B 275 7.37 -2.07 27.88
N SER B 276 7.59 -2.34 29.16
CA SER B 276 6.60 -2.03 30.20
C SER B 276 6.61 -0.54 30.57
N VAL B 277 5.43 0.09 30.49
CA VAL B 277 5.28 1.53 30.66
C VAL B 277 4.02 1.86 31.48
N PRO B 278 3.91 3.10 32.00
CA PRO B 278 2.71 3.45 32.76
C PRO B 278 1.45 3.54 31.90
N MET B 279 0.33 3.03 32.43
CA MET B 279 -0.97 3.07 31.77
C MET B 279 -1.96 3.85 32.62
N LEU B 280 -2.69 4.77 31.98
CA LEU B 280 -3.77 5.50 32.64
C LEU B 280 -5.09 4.88 32.20
N SER B 281 -6.04 4.78 33.12
CA SER B 281 -7.30 4.11 32.87
C SER B 281 -8.48 4.86 33.47
N GLY B 282 -9.66 4.67 32.88
CA GLY B 282 -10.89 5.28 33.37
C GLY B 282 -12.10 4.43 33.04
N THR B 283 -13.28 4.89 33.43
CA THR B 283 -14.54 4.22 33.10
C THR B 283 -15.64 5.24 32.87
N GLY B 284 -16.50 4.97 31.89
CA GLY B 284 -17.58 5.90 31.57
C GLY B 284 -18.52 5.40 30.47
N ASN B 285 -19.30 6.32 29.93
CA ASN B 285 -20.23 6.03 28.85
C ASN B 285 -19.70 6.63 27.54
N PHE B 286 -18.65 6.00 27.02
CA PHE B 286 -17.99 6.49 25.81
C PHE B 286 -18.66 5.95 24.56
N GLN B 287 -18.46 6.65 23.45
CA GLN B 287 -18.93 6.20 22.15
C GLN B 287 -17.86 5.32 21.52
N HIS B 288 -18.28 4.24 20.88
CA HIS B 288 -17.34 3.25 20.34
C HIS B 288 -17.96 2.50 19.16
N TRP B 289 -17.21 2.37 18.08
CA TRP B 289 -17.66 1.61 16.90
C TRP B 289 -16.50 0.92 16.19
N SER B 290 -16.81 0.13 15.18
CA SER B 290 -15.81 -0.55 14.36
C SER B 290 -16.20 -0.42 12.90
N ASP B 291 -15.34 0.21 12.10
CA ASP B 291 -15.65 0.53 10.70
C ASP B 291 -16.01 -0.72 9.90
N ALA B 292 -17.21 -0.73 9.33
CA ALA B 292 -17.67 -1.85 8.53
C ALA B 292 -16.74 -2.09 7.34
N GLN B 293 -16.45 -1.03 6.61
CA GLN B 293 -15.61 -1.10 5.41
C GLN B 293 -14.19 -1.55 5.71
N ASN B 294 -13.48 -0.79 6.54
CA ASN B 294 -12.02 -0.95 6.70
C ASN B 294 -11.54 -1.56 8.00
N ASN B 295 -12.45 -1.97 8.87
CA ASN B 295 -12.11 -2.64 10.14
C ASN B 295 -11.03 -1.93 10.98
N PHE B 296 -11.46 -0.91 11.72
CA PHE B 296 -10.63 -0.32 12.77
C PHE B 296 -11.55 0.14 13.90
N SER B 297 -11.14 -0.14 15.14
CA SER B 297 -11.91 0.27 16.29
C SER B 297 -11.61 1.73 16.59
N VAL B 298 -12.65 2.48 16.97
CA VAL B 298 -12.54 3.90 17.32
C VAL B 298 -13.16 4.13 18.69
N THR B 299 -12.52 4.97 19.51
CA THR B 299 -13.03 5.30 20.83
C THR B 299 -13.02 6.81 21.02
N ARG B 300 -14.20 7.38 21.28
CA ARG B 300 -14.40 8.82 21.29
C ARG B 300 -14.49 9.37 22.71
N VAL B 301 -13.33 9.52 23.36
CA VAL B 301 -13.27 10.01 24.74
C VAL B 301 -13.20 11.54 24.78
N PRO B 302 -14.24 12.18 25.36
CA PRO B 302 -14.27 13.64 25.45
C PRO B 302 -13.41 14.19 26.60
N LEU B 303 -12.53 15.13 26.29
CA LEU B 303 -11.62 15.71 27.27
C LEU B 303 -12.35 16.77 28.07
N GLY B 304 -12.83 17.80 27.38
CA GLY B 304 -13.65 18.85 27.99
C GLY B 304 -15.09 18.70 27.56
N GLU B 305 -15.88 19.76 27.74
CA GLU B 305 -17.27 19.76 27.29
C GLU B 305 -17.39 19.88 25.76
N SER B 306 -16.31 20.25 25.09
CA SER B 306 -16.26 20.30 23.62
C SER B 306 -15.19 19.39 23.04
N VAL B 307 -13.92 19.60 23.42
CA VAL B 307 -12.79 18.88 22.82
C VAL B 307 -12.94 17.36 22.93
N THR B 308 -12.51 16.66 21.87
CA THR B 308 -12.69 15.23 21.75
C THR B 308 -11.39 14.55 21.35
N LEU B 309 -10.98 13.55 22.12
CA LEU B 309 -9.83 12.73 21.78
C LEU B 309 -10.33 11.49 21.04
N LEU B 310 -10.03 11.41 19.75
CA LEU B 310 -10.34 10.21 18.95
C LEU B 310 -9.14 9.28 19.02
N LEU B 311 -9.39 8.01 19.33
CA LEU B 311 -8.35 6.99 19.42
C LEU B 311 -8.69 5.81 18.53
N ILE B 312 -8.01 5.71 17.39
CA ILE B 312 -8.26 4.59 16.47
C ILE B 312 -7.27 3.46 16.73
N GLN B 313 -7.75 2.23 16.70
CA GLN B 313 -6.88 1.06 16.70
C GLN B 313 -7.19 0.23 15.46
N PRO B 314 -6.16 -0.34 14.82
CA PRO B 314 -6.36 -1.20 13.67
C PRO B 314 -6.81 -2.59 14.09
N GLN B 315 -7.35 -3.37 13.14
CA GLN B 315 -7.82 -4.72 13.42
C GLN B 315 -6.69 -5.59 13.98
N CYS B 316 -5.50 -5.44 13.40
CA CYS B 316 -4.27 -6.02 13.95
C CYS B 316 -3.11 -5.06 13.74
N ALA B 317 -1.97 -5.36 14.37
CA ALA B 317 -0.84 -4.44 14.37
C ALA B 317 -0.38 -4.04 12.98
N SER B 318 -0.27 -5.04 12.09
CA SER B 318 0.30 -4.82 10.75
C SER B 318 -0.61 -4.05 9.79
N ASP B 319 -1.91 -3.98 10.11
CA ASP B 319 -2.86 -3.23 9.29
C ASP B 319 -2.79 -1.74 9.53
N LEU B 320 -2.02 -1.32 10.54
CA LEU B 320 -1.97 0.09 10.94
C LEU B 320 -1.50 1.03 9.83
N ASP B 321 -0.41 0.67 9.15
CA ASP B 321 0.10 1.46 8.03
C ASP B 321 -1.02 1.90 7.11
N ARG B 322 -1.79 0.92 6.64
CA ARG B 322 -2.93 1.16 5.75
C ARG B 322 -3.93 2.12 6.40
N VAL B 323 -4.38 1.77 7.60
CA VAL B 323 -5.39 2.55 8.31
C VAL B 323 -5.00 4.02 8.43
N GLU B 324 -3.76 4.27 8.83
CA GLU B 324 -3.21 5.62 8.94
C GLU B 324 -3.31 6.35 7.61
N VAL B 325 -2.84 5.71 6.54
CA VAL B 325 -2.91 6.28 5.19
C VAL B 325 -4.36 6.55 4.79
N LEU B 326 -5.26 5.74 5.31
CA LEU B 326 -6.68 5.82 5.00
C LEU B 326 -7.48 6.80 5.86
N VAL B 327 -7.37 6.70 7.19
CA VAL B 327 -8.24 7.49 8.07
C VAL B 327 -7.75 8.94 8.24
N PHE B 328 -6.50 9.12 8.65
CA PHE B 328 -5.97 10.47 8.86
C PHE B 328 -5.77 11.12 7.51
N GLN B 329 -4.84 10.56 6.75
CA GLN B 329 -4.36 11.18 5.55
C GLN B 329 -5.49 11.29 4.53
N HIS B 330 -6.53 12.05 4.88
CA HIS B 330 -7.60 12.39 3.97
C HIS B 330 -8.44 13.54 4.51
N ASP B 331 -8.75 14.48 3.62
CA ASP B 331 -9.63 15.61 3.89
C ASP B 331 -10.93 15.20 4.59
N PHE B 332 -11.45 14.03 4.25
CA PHE B 332 -12.66 13.54 4.90
C PHE B 332 -12.42 13.01 6.31
N LEU B 333 -13.45 13.16 7.15
CA LEU B 333 -13.54 12.49 8.44
C LEU B 333 -14.92 11.81 8.45
N THR B 334 -15.15 11.04 7.39
CA THR B 334 -16.39 10.31 7.19
C THR B 334 -16.43 9.03 8.04
N TRP B 335 -15.25 8.64 8.51
CA TRP B 335 -15.12 7.51 9.43
C TRP B 335 -15.50 7.90 10.87
N ILE B 336 -15.63 9.19 11.14
CA ILE B 336 -16.14 9.68 12.43
C ILE B 336 -17.66 9.62 12.43
N LYS B 337 -18.20 8.73 13.26
CA LYS B 337 -19.64 8.50 13.36
C LYS B 337 -20.11 8.85 14.77
N ASN B 338 -21.37 8.53 15.08
CA ASN B 338 -21.95 8.84 16.39
C ASN B 338 -23.03 7.83 16.77
N PRO B 339 -22.62 6.69 17.36
CA PRO B 339 -23.54 5.66 17.82
C PRO B 339 -23.97 5.86 19.29
N PRO B 340 -24.96 5.06 19.74
CA PRO B 340 -25.35 5.04 21.15
C PRO B 340 -24.18 4.67 22.07
N PRO B 341 -23.82 5.57 23.01
CA PRO B 341 -22.73 5.30 23.95
C PRO B 341 -22.90 3.99 24.74
N ARG B 342 -21.83 3.50 25.35
CA ARG B 342 -21.87 2.23 26.08
C ARG B 342 -20.84 2.15 27.22
N ALA B 343 -20.94 1.09 28.01
CA ALA B 343 -20.06 0.89 29.18
C ALA B 343 -18.68 0.38 28.77
N ILE B 344 -17.66 1.23 28.95
CA ILE B 344 -16.29 0.91 28.53
C ILE B 344 -15.26 1.30 29.60
N ARG B 345 -14.31 0.40 29.83
CA ARG B 345 -13.14 0.67 30.69
C ARG B 345 -11.93 0.87 29.78
N LEU B 346 -11.64 2.12 29.43
CA LEU B 346 -10.55 2.42 28.53
C LEU B 346 -9.22 2.45 29.28
N THR B 347 -8.20 1.85 28.68
CA THR B 347 -6.85 1.87 29.23
C THR B 347 -5.86 2.24 28.12
N LEU B 348 -5.15 3.34 28.30
CA LEU B 348 -4.12 3.76 27.35
C LEU B 348 -2.85 4.18 28.07
N PRO B 349 -1.72 4.21 27.36
CA PRO B 349 -0.46 4.67 27.96
C PRO B 349 -0.49 6.15 28.35
N GLN B 350 0.22 6.48 29.42
CA GLN B 350 0.40 7.89 29.81
C GLN B 350 1.32 8.53 28.80
N LEU B 351 0.73 9.24 27.84
CA LEU B 351 1.50 9.76 26.71
C LEU B 351 2.37 10.95 27.10
N GLU B 352 3.62 10.92 26.63
CA GLU B 352 4.52 12.08 26.66
C GLU B 352 5.08 12.27 25.25
N ILE B 353 4.18 12.34 24.27
CA ILE B 353 4.57 12.34 22.88
C ILE B 353 5.45 13.55 22.57
N ARG B 354 6.55 13.30 21.87
CA ARG B 354 7.42 14.36 21.37
C ARG B 354 7.66 14.12 19.88
N GLY B 355 7.67 15.21 19.12
CA GLY B 355 7.87 15.13 17.68
C GLY B 355 8.45 16.43 17.14
N SER B 356 9.20 16.34 16.06
CA SER B 356 9.85 17.51 15.48
C SER B 356 10.21 17.28 14.03
N TYR B 357 9.88 18.24 13.18
CA TYR B 357 10.11 18.13 11.76
C TYR B 357 10.42 19.51 11.18
N ASN B 358 11.45 19.59 10.33
CA ASN B 358 11.77 20.81 9.63
C ASN B 358 10.79 20.94 8.46
N LEU B 359 9.93 21.96 8.54
CA LEU B 359 8.86 22.18 7.55
C LEU B 359 9.41 22.32 6.11
N GLN B 360 10.65 22.78 5.99
CA GLN B 360 11.31 22.84 4.68
C GLN B 360 11.44 21.47 4.04
N ASP B 361 11.69 20.44 4.85
CA ASP B 361 11.80 19.09 4.33
C ASP B 361 10.44 18.58 3.82
N LEU B 362 9.36 18.93 4.52
CA LEU B 362 8.02 18.53 4.12
C LEU B 362 7.59 19.26 2.85
N LEU B 363 7.88 20.55 2.77
CA LEU B 363 7.63 21.30 1.54
C LEU B 363 8.39 20.69 0.35
N ALA B 364 9.60 20.19 0.62
CA ALA B 364 10.42 19.54 -0.39
C ALA B 364 9.84 18.19 -0.82
N GLN B 365 9.32 17.43 0.15
CA GLN B 365 8.62 16.17 -0.15
C GLN B 365 7.31 16.39 -0.88
N ALA B 366 6.71 17.57 -0.70
CA ALA B 366 5.54 17.98 -1.47
C ALA B 366 5.95 18.70 -2.77
N LYS B 367 7.24 18.67 -3.09
CA LYS B 367 7.79 19.29 -4.31
C LYS B 367 7.48 20.79 -4.38
N LEU B 368 7.61 21.45 -3.23
CA LEU B 368 7.51 22.90 -3.10
C LEU B 368 8.77 23.42 -2.40
N SER B 369 9.94 22.97 -2.85
CA SER B 369 11.20 23.31 -2.19
C SER B 369 11.60 24.76 -2.45
N THR B 370 11.16 25.32 -3.58
CA THR B 370 11.49 26.70 -3.93
C THR B 370 10.46 27.71 -3.42
N LEU B 371 9.40 27.24 -2.77
CA LEU B 371 8.39 28.14 -2.19
C LEU B 371 9.04 29.01 -1.10
N LEU B 372 9.73 28.36 -0.16
CA LEU B 372 10.55 29.08 0.83
C LEU B 372 12.05 28.82 0.59
N GLY B 373 12.45 28.75 -0.67
CA GLY B 373 13.83 28.43 -1.04
C GLY B 373 14.76 29.63 -0.93
N ALA B 374 15.93 29.52 -1.56
CA ALA B 374 16.92 30.59 -1.58
C ALA B 374 16.45 31.78 -2.43
N GLU B 375 15.53 31.52 -3.36
CA GLU B 375 14.94 32.57 -4.20
C GLU B 375 13.56 33.05 -3.69
N ALA B 376 13.27 32.81 -2.41
CA ALA B 376 12.02 33.29 -1.80
C ALA B 376 12.15 34.78 -1.46
N ASN B 377 11.09 35.54 -1.76
CA ASN B 377 11.06 36.98 -1.52
C ASN B 377 10.36 37.28 -0.20
N LEU B 378 11.15 37.31 0.87
CA LEU B 378 10.65 37.62 2.20
C LEU B 378 11.22 38.98 2.65
N GLY B 379 11.07 39.97 1.77
CA GLY B 379 11.59 41.31 2.02
C GLY B 379 10.99 42.01 3.23
N LYS B 380 9.73 41.72 3.52
CA LYS B 380 9.03 42.34 4.65
C LYS B 380 9.58 41.93 6.01
N MET B 381 10.40 40.88 6.06
CA MET B 381 10.91 40.37 7.33
C MET B 381 12.04 41.21 7.94
N GLY B 382 12.96 41.72 7.11
CA GLY B 382 14.10 42.48 7.63
C GLY B 382 14.83 43.40 6.66
N ASP B 383 15.93 43.97 7.14
CA ASP B 383 16.76 44.89 6.36
CA ASP B 383 16.76 44.88 6.35
C ASP B 383 17.29 44.23 5.08
N THR B 384 17.56 42.93 5.15
CA THR B 384 18.06 42.19 4.02
C THR B 384 17.24 40.91 3.85
N ASN B 385 17.20 40.39 2.62
CA ASN B 385 16.42 39.21 2.28
C ASN B 385 17.00 37.97 2.97
N PRO B 386 16.25 37.40 3.93
CA PRO B 386 16.81 36.32 4.74
C PRO B 386 16.72 34.95 4.10
N ARG B 387 17.83 34.22 4.08
CA ARG B 387 17.83 32.83 3.65
C ARG B 387 17.30 31.98 4.80
N VAL B 388 16.01 31.64 4.75
CA VAL B 388 15.36 30.94 5.86
C VAL B 388 15.76 29.48 5.88
N GLY B 389 16.72 29.14 6.74
CA GLY B 389 17.33 27.82 6.79
C GLY B 389 16.37 26.72 7.16
N GLU B 390 16.05 26.61 8.44
CA GLU B 390 15.09 25.63 8.90
C GLU B 390 13.86 26.31 9.47
N VAL B 391 12.71 25.67 9.30
CA VAL B 391 11.47 26.13 9.87
C VAL B 391 10.90 25.01 10.72
N LEU B 392 11.31 24.97 11.99
CA LEU B 392 10.95 23.86 12.88
C LEU B 392 9.52 23.96 13.37
N ASN B 393 8.93 22.78 13.58
CA ASN B 393 7.72 22.62 14.36
C ASN B 393 8.05 21.58 15.43
N SER B 394 7.83 21.91 16.69
CA SER B 394 8.17 21.00 17.79
C SER B 394 7.01 20.88 18.78
N ILE B 395 6.58 19.65 19.03
CA ILE B 395 5.38 19.39 19.82
C ILE B 395 5.64 18.47 21.01
N LEU B 396 5.41 18.96 22.22
CA LEU B 396 5.35 18.10 23.39
C LEU B 396 3.90 17.93 23.78
N LEU B 397 3.32 16.80 23.42
CA LEU B 397 1.93 16.51 23.74
C LEU B 397 1.91 15.54 24.92
N GLU B 398 1.29 15.94 26.02
CA GLU B 398 1.18 15.11 27.22
C GLU B 398 -0.29 14.83 27.51
N LEU B 399 -0.60 13.56 27.74
CA LEU B 399 -1.92 13.16 28.21
C LEU B 399 -1.77 12.47 29.56
N GLN B 400 -2.09 13.19 30.62
CA GLN B 400 -1.87 12.73 31.99
C GLN B 400 -3.19 12.39 32.66
N ALA B 401 -3.13 11.91 33.91
CA ALA B 401 -4.33 11.55 34.66
C ALA B 401 -5.15 12.80 35.03
N GLY B 402 -6.48 12.64 35.08
CA GLY B 402 -7.38 13.73 35.44
C GLY B 402 -7.47 13.94 36.93
N GLU B 403 -8.03 12.96 37.64
CA GLU B 403 -8.06 12.95 39.11
C GLU B 403 -8.00 11.51 39.64
N GLU B 418 -19.68 -8.22 31.06
CA GLU B 418 -20.59 -7.18 30.60
C GLU B 418 -19.83 -5.96 30.10
N VAL B 419 -19.18 -5.23 31.00
CA VAL B 419 -18.57 -3.94 30.65
C VAL B 419 -17.32 -4.18 29.78
N LEU B 420 -17.54 -4.27 28.47
CA LEU B 420 -16.47 -4.55 27.50
C LEU B 420 -15.44 -3.44 27.50
N ASP B 421 -14.18 -3.82 27.62
CA ASP B 421 -13.09 -2.87 27.88
C ASP B 421 -12.11 -2.73 26.69
N VAL B 422 -11.81 -1.48 26.35
CA VAL B 422 -10.90 -1.15 25.25
C VAL B 422 -9.52 -0.80 25.79
N THR B 423 -8.58 -1.74 25.65
CA THR B 423 -7.24 -1.60 26.22
C THR B 423 -6.22 -1.33 25.11
N LEU B 424 -5.72 -0.10 25.06
CA LEU B 424 -4.73 0.28 24.04
C LEU B 424 -3.34 -0.27 24.41
N SER B 425 -3.14 -1.55 24.12
CA SER B 425 -1.90 -2.26 24.49
C SER B 425 -0.92 -2.41 23.32
N SER B 426 -1.39 -2.11 22.11
CA SER B 426 -0.56 -2.14 20.91
C SER B 426 -0.54 -0.75 20.28
N PRO B 427 0.30 -0.53 19.25
CA PRO B 427 0.30 0.73 18.51
C PRO B 427 -1.08 1.17 18.02
N PHE B 428 -1.34 2.47 18.11
CA PHE B 428 -2.65 3.03 17.79
C PHE B 428 -2.53 4.43 17.21
N LEU B 429 -3.64 4.94 16.69
CA LEU B 429 -3.70 6.30 16.15
C LEU B 429 -4.56 7.15 17.05
N PHE B 430 -4.30 8.45 17.04
CA PHE B 430 -5.09 9.39 17.84
C PHE B 430 -5.19 10.77 17.18
N ALA B 431 -6.33 11.43 17.36
CA ALA B 431 -6.49 12.81 16.96
C ALA B 431 -7.23 13.58 18.05
N ILE B 432 -6.83 14.83 18.29
CA ILE B 432 -7.52 15.70 19.24
C ILE B 432 -8.31 16.75 18.46
N TYR B 433 -9.62 16.72 18.61
CA TYR B 433 -10.55 17.42 17.71
C TYR B 433 -11.41 18.39 18.49
N GLU B 434 -11.48 19.64 18.02
CA GLU B 434 -12.36 20.66 18.61
C GLU B 434 -13.67 20.73 17.83
N ARG B 435 -14.80 20.65 18.53
CA ARG B 435 -16.11 20.56 17.90
C ARG B 435 -16.60 21.92 17.41
N ASP B 436 -16.65 22.89 18.33
CA ASP B 436 -17.26 24.19 18.07
C ASP B 436 -16.61 24.92 16.87
N SER B 437 -15.28 24.91 16.80
CA SER B 437 -14.61 25.49 15.64
C SER B 437 -14.54 24.47 14.51
N GLY B 438 -14.51 23.18 14.86
CA GLY B 438 -14.42 22.10 13.88
C GLY B 438 -13.00 21.71 13.50
N ALA B 439 -12.03 22.39 14.11
CA ALA B 439 -10.63 22.24 13.75
C ALA B 439 -9.98 21.05 14.44
N LEU B 440 -8.93 20.54 13.80
CA LEU B 440 -8.19 19.38 14.28
C LEU B 440 -6.85 19.86 14.83
N HIS B 441 -6.69 19.79 16.14
CA HIS B 441 -5.56 20.43 16.83
C HIS B 441 -4.30 19.57 16.82
N PHE B 442 -4.46 18.28 17.08
CA PHE B 442 -3.35 17.34 16.99
C PHE B 442 -3.82 16.01 16.44
N LEU B 443 -2.99 15.42 15.59
CA LEU B 443 -3.20 14.07 15.12
C LEU B 443 -1.85 13.39 15.10
N GLY B 444 -1.83 12.07 15.16
CA GLY B 444 -0.56 11.35 15.18
C GLY B 444 -0.67 9.86 15.43
N ARG B 445 0.48 9.24 15.58
CA ARG B 445 0.60 7.80 15.70
C ARG B 445 1.51 7.49 16.88
N VAL B 446 1.06 6.59 17.74
CA VAL B 446 1.84 6.14 18.89
C VAL B 446 2.37 4.73 18.64
N ASP B 447 3.57 4.64 18.08
CA ASP B 447 4.22 3.34 17.85
C ASP B 447 4.92 2.84 19.13
N ASN B 448 5.39 3.78 19.95
CA ASN B 448 6.10 3.46 21.19
C ASN B 448 6.17 4.70 22.08
N PRO B 449 5.60 4.62 23.30
CA PRO B 449 5.66 5.73 24.26
C PRO B 449 6.78 5.57 25.31
N GLN B 450 8.00 5.27 24.85
CA GLN B 450 9.14 5.02 25.74
C GLN B 450 8.81 3.96 26.81
#